data_9FV4
#
_entry.id   9FV4
#
_cell.length_a   1.00
_cell.length_b   1.00
_cell.length_c   1.00
_cell.angle_alpha   90.00
_cell.angle_beta   90.00
_cell.angle_gamma   90.00
#
_symmetry.space_group_name_H-M   'P 1'
#
loop_
_entity.id
_entity.type
_entity.pdbx_description
1 polymer 'ATP-dependent lipid A-core flippase'
2 non-polymer '(2~{R},4~{R},5~{R},6~{R})-6-[(1~{R})-1,2-bis(oxidanyl)ethyl]-2-[(2~{R},4~{R},5~{R},6~{R})-6-[(1~{R})-1,2-bis(oxidanyl)ethyl]-5-[(2~{S},3~{S},4~{R},5~{R},6~{R})-6-[(1~{S})-1,2-bis(oxidanyl)ethyl]-4-[(2~{R},3~{S},4~{R},5~{S},6~{R})-6-[(1~{S})-2-[(2~{S},3~{S},4~{S},5~{S},6~{R})-6-[(1~{S})-1,2-bis(oxidanyl)ethyl]-3,4,5-tris(oxidanyl)oxan-2-yl]oxy-1-oxidanyl-ethyl]-3,4-bis(oxidanyl)-5-phosphonooxy-oxan-2-yl]oxy-3-oxidanyl-5-phosphonooxy-oxan-2-yl]oxy-2-carboxy-2-[[(2~{R},3~{S},4~{R},5~{R},6~{R})-5-[[(3~{R})-3-dodecanoyloxytetradecanoyl]amino]-6-[[(2~{R},3~{S},4~{R},5~{R},6~{R})-3-oxidanyl-5-[[(3~{R})-3-oxidanyltetradecanoyl]amino]-4-[(3~{R})-3-oxidanyltetradecanoyl]oxy-6-phosphonooxy-oxan-2-yl]methoxy]-3-phosphonooxy-4-[(3~{R})-3-tetradecanoyloxytetradecanoyl]oxy-oxan-2-yl]methoxy]oxan-4-yl]oxy-4,5-bis(oxidanyl)oxane-2-carboxylic acid'
#
_entity_poly.entity_id   1
_entity_poly.type   'polypeptide(L)'
_entity_poly.pdbx_seq_one_letter_code
;MHNDKDLSTWQTFRRLWPTIAPFKAGLIVAGVALILNAASDTFMLSLLKPLLDDGFGKTDRSVLVWMPLVVIGLMILRGI
TSYVSSYCISWVSGKVVMTMRRRLFGHMMGMPVSFFDKQSTGTLLSRITYDSEQVASSSSGALITVVREGASIIGLFIMM
FYYSWQLSIILIVLAPIVSIAIRVVSKRFRNISKNMQNTMGQVTTSAEQMLKGHKEVLIFGGQEVETKRFDKVSNRMRLQ
GMKMVSASSISDPIIQLIASLALAFVLYAASFPSVMDSLTAGTITVVFSSMIALMRPLKSLTNVNAQFQRGMAACQTLFT
ILDSEQEKDEGKRVIERATGDVEFRNVTFTYPGRDVPALRNINLKIPAGKTVALVGRSGSGKSTIASLITRFYDIDEGEI
LMDGHDLREYTLASLRNQVALVSQNVHLFNDTVANNIAYARTEQYSREQIEEAARMAYAMDFINKMDNGLDTVIGENGVL
LSGGQRQRIAIARALLRDSPILILDEATSALDTESERAIQAALDELQKNRTSLVIAHRLSTIEKADEIVVVEDGVIVERG
THNDLLEHRGVYAQLHKMQFGQ
;
_entity_poly.pdbx_strand_id   A,B
#
loop_
_chem_comp.id
_chem_comp.type
_chem_comp.name
_chem_comp.formula
JSG non-polymer '(2~{R},4~{R},5~{R},6~{R})-6-[(1~{R})-1,2-bis(oxidanyl)ethyl]-2-[(2~{R},4~{R},5~{R},6~{R})-6-[(1~{R})-1,2-bis(oxidanyl)ethyl]-5-[(2~{S},3~{S},4~{R},5~{R},6~{R})-6-[(1~{S})-1,2-bis(oxidanyl)ethyl]-4-[(2~{R},3~{S},4~{R},5~{S},6~{R})-6-[(1~{S})-2-[(2~{S},3~{S},4~{S},5~{S},6~{R})-6-[(1~{S})-1,2-bis(oxidanyl)ethyl]-3,4,5-tris(oxidanyl)oxan-2-yl]oxy-1-oxidanyl-ethyl]-3,4-bis(oxidanyl)-5-phosphonooxy-oxan-2-yl]oxy-3-oxidanyl-5-phosphonooxy-oxan-2-yl]oxy-2-carboxy-2-[[(2~{R},3~{S},4~{R},5~{R},6~{R})-5-[[(3~{R})-3-dodecanoyloxytetradecanoyl]amino]-6-[[(2~{R},3~{S},4~{R},5~{R},6~{R})-3-oxidanyl-5-[[(3~{R})-3-oxidanyltetradecanoyl]amino]-4-[(3~{R})-3-oxidanyltetradecanoyl]oxy-6-phosphonooxy-oxan-2-yl]methoxy]-3-phosphonooxy-4-[(3~{R})-3-tetradecanoyloxytetradecanoyl]oxy-oxan-2-yl]methoxy]oxan-4-yl]oxy-4,5-bis(oxidanyl)oxane-2-carboxylic acid' 'C131 H240 N2 O63 P4'
#
# COMPACT_ATOMS: atom_id res chain seq x y z
N THR A 12 -23.60 -7.28 11.24
CA THR A 12 -24.93 -6.61 11.27
C THR A 12 -25.97 -7.44 10.49
N PHE A 13 -26.13 -7.17 9.19
CA PHE A 13 -27.13 -7.84 8.36
C PHE A 13 -26.42 -8.59 7.24
N ARG A 14 -26.39 -9.91 7.34
CA ARG A 14 -25.68 -10.74 6.38
C ARG A 14 -26.57 -10.99 5.18
N ARG A 15 -26.32 -10.26 4.10
CA ARG A 15 -26.75 -10.66 2.77
C ARG A 15 -25.71 -11.54 2.09
N LEU A 16 -24.66 -11.94 2.82
CA LEU A 16 -23.68 -12.90 2.33
C LEU A 16 -24.17 -14.33 2.42
N TRP A 17 -25.34 -14.57 3.00
CA TRP A 17 -25.77 -15.95 3.22
C TRP A 17 -26.19 -16.65 1.93
N PRO A 18 -26.80 -15.99 0.93
CA PRO A 18 -27.04 -16.68 -0.35
C PRO A 18 -25.78 -17.20 -1.02
N THR A 19 -24.63 -16.53 -0.86
CA THR A 19 -23.38 -17.04 -1.44
C THR A 19 -22.66 -18.00 -0.52
N ILE A 20 -22.87 -17.89 0.80
CA ILE A 20 -22.30 -18.87 1.72
C ILE A 20 -23.01 -20.21 1.61
N ALA A 21 -24.34 -20.17 1.43
CA ALA A 21 -25.15 -21.37 1.57
C ALA A 21 -24.79 -22.52 0.63
N PRO A 22 -24.48 -22.29 -0.65
CA PRO A 22 -24.11 -23.43 -1.51
C PRO A 22 -22.89 -24.20 -1.02
N PHE A 23 -22.06 -23.60 -0.18
CA PHE A 23 -20.84 -24.22 0.34
C PHE A 23 -20.96 -24.47 1.84
N LYS A 24 -22.19 -24.62 2.34
CA LYS A 24 -22.38 -24.77 3.78
C LYS A 24 -21.94 -26.14 4.29
N ALA A 25 -21.71 -27.11 3.40
CA ALA A 25 -21.21 -28.40 3.84
C ALA A 25 -19.85 -28.25 4.51
N GLY A 26 -18.99 -27.40 3.95
CA GLY A 26 -17.72 -27.13 4.58
C GLY A 26 -17.86 -26.53 5.97
N LEU A 27 -18.78 -25.59 6.12
CA LEU A 27 -19.00 -24.98 7.44
C LEU A 27 -19.52 -26.01 8.43
N ILE A 28 -20.45 -26.87 8.01
CA ILE A 28 -21.00 -27.86 8.92
C ILE A 28 -19.92 -28.85 9.33
N VAL A 29 -19.10 -29.30 8.38
CA VAL A 29 -18.05 -30.26 8.71
C VAL A 29 -17.01 -29.60 9.60
N ALA A 30 -16.72 -28.31 9.40
CA ALA A 30 -15.77 -27.62 10.26
C ALA A 30 -16.33 -27.45 11.67
N GLY A 31 -17.60 -27.07 11.78
CA GLY A 31 -18.22 -26.87 13.07
C GLY A 31 -18.54 -28.14 13.82
N VAL A 32 -18.52 -29.29 13.14
CA VAL A 32 -18.59 -30.59 13.81
C VAL A 32 -17.16 -31.04 14.11
N ALA A 33 -16.20 -30.60 13.29
CA ALA A 33 -14.81 -30.94 13.53
C ALA A 33 -14.19 -30.11 14.64
N LEU A 34 -14.67 -28.88 14.85
CA LEU A 34 -14.13 -28.04 15.90
C LEU A 34 -14.75 -28.32 17.26
N ILE A 35 -16.04 -28.68 17.30
CA ILE A 35 -16.65 -29.13 18.54
C ILE A 35 -15.89 -30.32 19.10
N LEU A 36 -15.48 -31.24 18.22
CA LEU A 36 -14.64 -32.34 18.67
C LEU A 36 -13.30 -31.84 19.18
N ASN A 37 -12.80 -30.72 18.67
CA ASN A 37 -11.55 -30.17 19.18
C ASN A 37 -11.70 -29.71 20.62
N ALA A 38 -12.77 -28.96 20.90
CA ALA A 38 -13.02 -28.52 22.28
C ALA A 38 -13.26 -29.71 23.19
N ALA A 39 -14.01 -30.71 22.70
CA ALA A 39 -14.20 -31.92 23.48
C ALA A 39 -12.89 -32.65 23.72
N SER A 40 -11.97 -32.63 22.76
CA SER A 40 -10.67 -33.25 22.96
C SER A 40 -9.88 -32.53 24.06
N ASP A 41 -9.89 -31.20 24.03
CA ASP A 41 -9.24 -30.45 25.11
C ASP A 41 -9.87 -30.78 26.45
N THR A 42 -11.20 -30.81 26.51
CA THR A 42 -11.89 -31.08 27.76
C THR A 42 -11.56 -32.47 28.29
N PHE A 43 -11.55 -33.47 27.40
CA PHE A 43 -11.25 -34.83 27.85
C PHE A 43 -9.80 -34.96 28.25
N MET A 44 -8.89 -34.27 27.56
CA MET A 44 -7.49 -34.33 27.95
C MET A 44 -7.27 -33.73 29.33
N LEU A 45 -7.95 -32.63 29.64
CA LEU A 45 -7.83 -32.06 30.98
C LEU A 45 -8.54 -32.94 32.01
N SER A 46 -9.66 -33.56 31.63
CA SER A 46 -10.37 -34.44 32.55
C SER A 46 -9.57 -35.69 32.86
N LEU A 47 -8.66 -36.07 31.97
CA LEU A 47 -7.85 -37.24 32.20
C LEU A 47 -6.90 -37.06 33.39
N LEU A 48 -6.69 -35.81 33.83
CA LEU A 48 -5.76 -35.59 34.94
C LEU A 48 -6.30 -36.15 36.25
N LYS A 49 -7.62 -36.16 36.43
CA LYS A 49 -8.19 -36.66 37.68
C LYS A 49 -7.82 -38.12 37.94
N PRO A 50 -7.95 -39.03 36.97
CA PRO A 50 -7.42 -40.38 37.20
C PRO A 50 -5.91 -40.40 37.47
N LEU A 51 -5.16 -39.42 36.95
CA LEU A 51 -3.71 -39.46 37.11
C LEU A 51 -3.32 -39.27 38.57
N LEU A 52 -3.85 -38.24 39.23
CA LEU A 52 -3.42 -37.96 40.59
C LEU A 52 -4.18 -38.84 41.59
N ASP A 53 -5.48 -39.00 41.39
CA ASP A 53 -6.28 -39.77 42.35
C ASP A 53 -6.12 -41.26 42.10
N ASP A 54 -6.58 -41.74 40.94
CA ASP A 54 -6.53 -43.16 40.65
C ASP A 54 -5.12 -43.63 40.29
N GLY A 55 -4.23 -42.68 39.98
CA GLY A 55 -2.87 -43.01 39.60
C GLY A 55 -1.90 -42.80 40.75
N PHE A 56 -1.23 -41.65 40.79
CA PHE A 56 -0.18 -41.42 41.77
C PHE A 56 -0.69 -41.44 43.20
N GLY A 57 -1.88 -40.87 43.44
CA GLY A 57 -2.40 -40.84 44.81
C GLY A 57 -2.63 -42.23 45.37
N LYS A 58 -3.27 -43.08 44.59
CA LYS A 58 -3.33 -44.52 44.86
C LYS A 58 -2.08 -45.16 44.25
N THR A 59 -2.01 -46.48 44.07
CA THR A 59 -0.90 -47.11 43.38
C THR A 59 -1.40 -48.16 42.39
N ASP A 60 -2.42 -47.78 41.60
CA ASP A 60 -2.98 -48.71 40.63
C ASP A 60 -1.93 -49.14 39.60
N ARG A 61 -1.29 -48.17 38.96
CA ARG A 61 -0.13 -48.37 38.07
C ARG A 61 -0.48 -49.01 36.73
N SER A 62 -1.73 -49.47 36.56
CA SER A 62 -2.21 -49.88 35.24
C SER A 62 -3.07 -48.78 34.63
N VAL A 63 -3.72 -47.97 35.49
CA VAL A 63 -4.33 -46.74 35.03
C VAL A 63 -3.28 -45.83 34.40
N LEU A 64 -2.12 -45.69 35.06
CA LEU A 64 -1.08 -44.84 34.51
C LEU A 64 -0.58 -45.39 33.19
N VAL A 65 -0.44 -46.72 33.08
CA VAL A 65 0.01 -47.32 31.83
C VAL A 65 -1.03 -47.13 30.74
N TRP A 66 -2.31 -47.12 31.12
CA TRP A 66 -3.36 -46.88 30.14
C TRP A 66 -3.35 -45.43 29.68
N MET A 67 -2.82 -44.52 30.51
CA MET A 67 -2.95 -43.09 30.22
C MET A 67 -2.23 -42.64 28.95
N PRO A 68 -0.92 -42.99 28.69
CA PRO A 68 -0.21 -42.42 27.54
C PRO A 68 -0.92 -42.59 26.21
N LEU A 69 -1.52 -43.76 26.00
CA LEU A 69 -2.26 -43.98 24.76
C LEU A 69 -3.49 -43.09 24.71
N VAL A 70 -4.11 -42.80 25.86
CA VAL A 70 -5.22 -41.85 25.87
C VAL A 70 -4.74 -40.48 25.46
N VAL A 71 -3.59 -40.04 26.00
CA VAL A 71 -3.07 -38.73 25.65
C VAL A 71 -2.74 -38.67 24.17
N ILE A 72 -2.08 -39.70 23.65
CA ILE A 72 -1.70 -39.70 22.24
C ILE A 72 -2.92 -39.77 21.35
N GLY A 73 -3.93 -40.53 21.75
CA GLY A 73 -5.16 -40.62 20.97
C GLY A 73 -5.91 -39.32 20.94
N LEU A 74 -6.01 -38.65 22.09
CA LEU A 74 -6.75 -37.39 22.15
C LEU A 74 -5.95 -36.27 21.52
N MET A 75 -4.64 -36.44 21.34
CA MET A 75 -3.85 -35.50 20.55
C MET A 75 -3.93 -35.79 19.06
N ILE A 76 -4.02 -37.06 18.67
CA ILE A 76 -4.34 -37.39 17.29
C ILE A 76 -5.69 -36.79 16.92
N LEU A 77 -6.66 -36.92 17.81
CA LEU A 77 -7.97 -36.31 17.57
C LEU A 77 -7.83 -34.80 17.50
N ARG A 78 -7.03 -34.21 18.40
CA ARG A 78 -6.85 -32.76 18.41
C ARG A 78 -6.23 -32.26 17.11
N GLY A 79 -5.22 -32.97 16.60
CA GLY A 79 -4.55 -32.58 15.39
C GLY A 79 -5.36 -32.81 14.13
N ILE A 80 -6.01 -33.96 14.04
CA ILE A 80 -6.85 -34.24 12.88
C ILE A 80 -8.01 -33.28 12.81
N THR A 81 -8.63 -32.98 13.96
CA THR A 81 -9.71 -32.00 13.97
C THR A 81 -9.22 -30.63 13.57
N SER A 82 -8.04 -30.23 14.07
CA SER A 82 -7.50 -28.93 13.70
C SER A 82 -7.26 -28.84 12.21
N TYR A 83 -6.65 -29.87 11.63
CA TYR A 83 -6.36 -29.85 10.20
C TYR A 83 -7.64 -29.88 9.37
N VAL A 84 -8.62 -30.70 9.77
CA VAL A 84 -9.87 -30.77 9.03
C VAL A 84 -10.61 -29.45 9.12
N SER A 85 -10.63 -28.83 10.30
CA SER A 85 -11.28 -27.54 10.46
C SER A 85 -10.61 -26.49 9.60
N SER A 86 -9.28 -26.46 9.60
CA SER A 86 -8.57 -25.50 8.76
C SER A 86 -8.87 -25.73 7.29
N TYR A 87 -8.82 -26.98 6.84
CA TYR A 87 -9.07 -27.28 5.43
C TYR A 87 -10.48 -26.87 5.02
N CYS A 88 -11.48 -27.22 5.82
CA CYS A 88 -12.86 -26.94 5.41
C CYS A 88 -13.20 -25.47 5.55
N ILE A 89 -12.69 -24.80 6.60
CA ILE A 89 -12.97 -23.37 6.73
C ILE A 89 -12.25 -22.60 5.63
N SER A 90 -11.13 -23.12 5.12
CA SER A 90 -10.50 -22.50 3.96
C SER A 90 -11.28 -22.83 2.69
N TRP A 91 -11.82 -24.04 2.58
CA TRP A 91 -12.63 -24.40 1.44
C TRP A 91 -13.88 -23.57 1.34
N VAL A 92 -14.42 -23.11 2.47
CA VAL A 92 -15.54 -22.18 2.44
C VAL A 92 -15.07 -20.75 2.24
N SER A 93 -14.06 -20.31 2.99
CA SER A 93 -13.46 -19.00 2.78
C SER A 93 -12.64 -18.94 1.50
N GLY A 94 -12.38 -20.08 0.85
CA GLY A 94 -11.75 -20.09 -0.45
C GLY A 94 -12.79 -20.05 -1.55
N LYS A 95 -13.93 -20.70 -1.34
CA LYS A 95 -15.02 -20.71 -2.30
C LYS A 95 -16.03 -19.60 -2.06
N VAL A 96 -15.75 -18.68 -1.12
CA VAL A 96 -16.54 -17.46 -0.94
C VAL A 96 -15.74 -16.23 -1.27
N VAL A 97 -14.45 -16.21 -0.94
CA VAL A 97 -13.58 -15.14 -1.39
C VAL A 97 -13.51 -15.14 -2.92
N MET A 98 -13.37 -16.32 -3.52
CA MET A 98 -13.32 -16.41 -4.97
C MET A 98 -14.63 -15.97 -5.59
N THR A 99 -15.77 -16.37 -5.00
CA THR A 99 -17.05 -15.95 -5.54
C THR A 99 -17.23 -14.45 -5.41
N MET A 100 -16.82 -13.86 -4.28
CA MET A 100 -16.93 -12.42 -4.13
C MET A 100 -16.05 -11.69 -5.13
N ARG A 101 -14.83 -12.18 -5.32
CA ARG A 101 -13.93 -11.55 -6.30
C ARG A 101 -14.52 -11.63 -7.69
N ARG A 102 -15.05 -12.79 -8.08
CA ARG A 102 -15.64 -12.93 -9.41
C ARG A 102 -16.86 -12.02 -9.56
N ARG A 103 -17.72 -11.96 -8.54
CA ARG A 103 -18.93 -11.16 -8.68
C ARG A 103 -18.60 -9.68 -8.75
N LEU A 104 -17.68 -9.21 -7.91
CA LEU A 104 -17.26 -7.81 -8.01
C LEU A 104 -16.65 -7.54 -9.37
N PHE A 105 -15.73 -8.39 -9.80
CA PHE A 105 -15.04 -8.21 -11.07
C PHE A 105 -15.98 -8.26 -12.26
N GLY A 106 -17.10 -8.95 -12.16
CA GLY A 106 -18.09 -8.96 -13.24
C GLY A 106 -19.05 -7.80 -13.14
N HIS A 107 -19.25 -7.28 -11.92
CA HIS A 107 -20.13 -6.15 -11.70
C HIS A 107 -19.40 -4.83 -11.78
N MET A 108 -18.12 -4.82 -11.40
CA MET A 108 -17.33 -3.60 -11.43
C MET A 108 -17.06 -3.16 -12.86
N MET A 109 -16.94 -4.12 -13.78
CA MET A 109 -16.64 -3.83 -15.18
C MET A 109 -17.89 -3.56 -16.02
N GLY A 110 -19.08 -3.84 -15.49
CA GLY A 110 -20.29 -3.35 -16.11
C GLY A 110 -20.55 -1.90 -15.74
N MET A 111 -20.01 -1.49 -14.59
CA MET A 111 -20.17 -0.12 -14.12
C MET A 111 -19.43 0.81 -15.08
N PRO A 112 -20.00 1.97 -15.41
CA PRO A 112 -19.44 2.77 -16.50
C PRO A 112 -18.16 3.47 -16.06
N VAL A 113 -17.58 4.22 -16.98
CA VAL A 113 -16.29 4.87 -16.72
C VAL A 113 -16.40 5.97 -15.67
N SER A 114 -17.62 6.44 -15.38
CA SER A 114 -17.79 7.48 -14.37
C SER A 114 -17.30 7.03 -13.01
N PHE A 115 -17.43 5.73 -12.69
CA PHE A 115 -16.99 5.27 -11.39
C PHE A 115 -15.46 5.27 -11.30
N PHE A 116 -14.77 4.87 -12.37
CA PHE A 116 -13.31 4.98 -12.40
C PHE A 116 -12.83 6.34 -12.85
N ASP A 117 -13.65 7.38 -12.76
CA ASP A 117 -13.17 8.75 -12.98
C ASP A 117 -12.58 9.28 -11.68
N LYS A 118 -11.63 8.55 -11.11
CA LYS A 118 -10.95 8.83 -9.85
C LYS A 118 -11.88 8.93 -8.65
N GLN A 119 -13.11 8.42 -8.74
CA GLN A 119 -13.88 8.18 -7.52
C GLN A 119 -13.22 7.08 -6.70
N SER A 120 -12.70 6.06 -7.38
CA SER A 120 -11.85 5.05 -6.78
C SER A 120 -10.68 4.80 -7.72
N THR A 121 -9.46 4.90 -7.17
CA THR A 121 -8.25 4.88 -8.00
C THR A 121 -7.40 3.65 -7.77
N GLY A 122 -6.94 3.47 -6.52
CA GLY A 122 -6.11 2.34 -6.13
C GLY A 122 -6.75 1.53 -5.03
N THR A 123 -7.73 2.14 -4.34
CA THR A 123 -8.60 1.42 -3.42
C THR A 123 -9.40 0.35 -4.13
N LEU A 124 -9.52 0.44 -5.46
CA LEU A 124 -10.22 -0.60 -6.22
C LEU A 124 -9.51 -1.95 -6.08
N LEU A 125 -8.20 -1.96 -6.29
CA LEU A 125 -7.43 -3.20 -6.16
C LEU A 125 -7.45 -3.69 -4.72
N SER A 126 -7.41 -2.77 -3.75
CA SER A 126 -7.57 -3.17 -2.36
C SER A 126 -8.93 -3.80 -2.12
N ARG A 127 -9.95 -3.31 -2.82
CA ARG A 127 -11.30 -3.82 -2.64
C ARG A 127 -11.48 -5.19 -3.27
N ILE A 128 -10.71 -5.49 -4.33
CA ILE A 128 -10.85 -6.79 -4.99
C ILE A 128 -9.94 -7.82 -4.32
N THR A 129 -8.74 -7.41 -3.90
CA THR A 129 -7.74 -8.37 -3.43
C THR A 129 -7.73 -8.53 -1.91
N TYR A 130 -7.43 -7.44 -1.18
CA TYR A 130 -7.20 -7.57 0.25
C TYR A 130 -8.50 -7.46 1.03
N ASP A 131 -9.30 -6.43 0.74
CA ASP A 131 -10.52 -6.18 1.49
C ASP A 131 -11.51 -7.34 1.38
N SER A 132 -11.50 -8.08 0.27
CA SER A 132 -12.38 -9.22 0.10
C SER A 132 -11.85 -10.49 0.75
N GLU A 133 -10.56 -10.55 1.09
CA GLU A 133 -10.01 -11.66 1.86
C GLU A 133 -10.14 -11.41 3.35
N GLN A 134 -10.47 -10.18 3.77
CA GLN A 134 -10.91 -9.90 5.14
C GLN A 134 -12.42 -10.02 5.31
N VAL A 135 -13.15 -10.33 4.24
CA VAL A 135 -14.58 -10.64 4.36
C VAL A 135 -14.79 -12.06 4.85
N ALA A 136 -13.83 -12.97 4.59
CA ALA A 136 -13.93 -14.34 5.07
C ALA A 136 -12.67 -14.81 5.80
N SER A 137 -11.77 -13.90 6.19
CA SER A 137 -10.73 -14.20 7.16
C SER A 137 -11.08 -13.70 8.55
N SER A 138 -11.93 -12.67 8.65
CA SER A 138 -12.41 -12.17 9.92
C SER A 138 -13.90 -12.45 10.11
N SER A 139 -14.53 -13.17 9.16
CA SER A 139 -15.84 -13.76 9.37
C SER A 139 -15.77 -15.27 9.54
N SER A 140 -14.67 -15.90 9.13
CA SER A 140 -14.38 -17.29 9.46
C SER A 140 -13.66 -17.42 10.79
N GLY A 141 -12.87 -16.40 11.17
CA GLY A 141 -12.31 -16.34 12.50
C GLY A 141 -13.37 -16.04 13.54
N ALA A 142 -14.53 -15.52 13.10
CA ALA A 142 -15.67 -15.30 13.97
C ALA A 142 -16.58 -16.52 14.03
N LEU A 143 -16.34 -17.54 13.20
CA LEU A 143 -16.99 -18.84 13.33
C LEU A 143 -16.09 -19.89 13.95
N ILE A 144 -14.78 -19.80 13.76
CA ILE A 144 -13.86 -20.67 14.49
C ILE A 144 -13.97 -20.40 15.98
N THR A 145 -13.90 -19.13 16.37
CA THR A 145 -13.85 -18.80 17.78
C THR A 145 -15.15 -19.16 18.49
N VAL A 146 -16.29 -18.75 17.93
CA VAL A 146 -17.57 -18.95 18.58
C VAL A 146 -17.88 -20.44 18.66
N VAL A 147 -17.32 -21.25 17.77
CA VAL A 147 -17.55 -22.68 17.82
C VAL A 147 -16.54 -23.34 18.74
N ARG A 148 -15.25 -23.30 18.37
CA ARG A 148 -14.28 -24.07 19.15
C ARG A 148 -14.05 -23.48 20.53
N GLU A 149 -13.82 -22.17 20.61
CA GLU A 149 -13.59 -21.53 21.90
C GLU A 149 -14.89 -21.18 22.62
N GLY A 150 -16.03 -21.26 21.93
CA GLY A 150 -17.31 -21.13 22.60
C GLY A 150 -17.81 -22.45 23.14
N ALA A 151 -17.31 -23.56 22.60
CA ALA A 151 -17.64 -24.88 23.11
C ALA A 151 -16.63 -25.41 24.10
N SER A 152 -15.40 -24.89 24.08
CA SER A 152 -14.49 -25.18 25.18
C SER A 152 -15.08 -24.72 26.50
N ILE A 153 -15.74 -23.57 26.50
CA ILE A 153 -16.37 -23.06 27.72
C ILE A 153 -17.45 -24.03 28.19
N ILE A 154 -18.31 -24.46 27.28
CA ILE A 154 -19.42 -25.34 27.65
C ILE A 154 -18.88 -26.68 28.15
N GLY A 155 -17.88 -27.23 27.43
CA GLY A 155 -17.30 -28.50 27.85
C GLY A 155 -16.66 -28.41 29.22
N LEU A 156 -15.89 -27.35 29.46
CA LEU A 156 -15.26 -27.19 30.77
C LEU A 156 -16.30 -26.96 31.87
N PHE A 157 -17.39 -26.29 31.56
CA PHE A 157 -18.39 -26.05 32.61
C PHE A 157 -19.12 -27.35 32.97
N ILE A 158 -19.48 -28.15 31.97
CA ILE A 158 -20.09 -29.45 32.28
C ILE A 158 -19.07 -30.34 32.99
N MET A 159 -17.80 -30.26 32.60
CA MET A 159 -16.73 -30.95 33.30
C MET A 159 -16.72 -30.63 34.78
N MET A 160 -16.65 -29.34 35.11
CA MET A 160 -16.52 -28.95 36.50
C MET A 160 -17.80 -29.21 37.27
N PHE A 161 -18.96 -29.13 36.59
CA PHE A 161 -20.20 -29.52 37.24
C PHE A 161 -20.17 -31.00 37.63
N TYR A 162 -19.67 -31.85 36.73
CA TYR A 162 -19.58 -33.27 37.06
C TYR A 162 -18.59 -33.51 38.19
N TYR A 163 -17.39 -32.95 38.08
CA TYR A 163 -16.33 -33.27 39.03
C TYR A 163 -16.50 -32.58 40.37
N SER A 164 -17.16 -31.42 40.42
CA SER A 164 -17.28 -30.69 41.68
C SER A 164 -18.52 -29.78 41.60
N TRP A 165 -19.59 -30.18 42.27
CA TRP A 165 -20.79 -29.34 42.33
C TRP A 165 -20.60 -28.19 43.30
N GLN A 166 -19.91 -28.43 44.43
CA GLN A 166 -19.77 -27.39 45.45
C GLN A 166 -19.00 -26.20 44.90
N LEU A 167 -17.90 -26.46 44.19
CA LEU A 167 -17.30 -25.46 43.35
C LEU A 167 -17.99 -25.45 41.99
N SER A 168 -17.58 -24.52 41.14
CA SER A 168 -18.03 -24.30 39.77
C SER A 168 -19.40 -23.63 39.69
N ILE A 169 -20.14 -23.49 40.80
CA ILE A 169 -21.20 -22.48 40.86
C ILE A 169 -20.56 -21.12 41.11
N ILE A 170 -19.45 -21.11 41.86
CA ILE A 170 -18.64 -19.91 41.97
C ILE A 170 -18.21 -19.45 40.58
N LEU A 171 -17.95 -20.40 39.67
CA LEU A 171 -17.50 -20.00 38.34
C LEU A 171 -18.64 -19.48 37.49
N ILE A 172 -19.86 -20.00 37.65
CA ILE A 172 -20.96 -19.40 36.91
C ILE A 172 -21.23 -17.99 37.43
N VAL A 173 -20.99 -17.76 38.72
CA VAL A 173 -21.10 -16.38 39.23
C VAL A 173 -19.98 -15.51 38.68
N LEU A 174 -18.77 -16.06 38.51
CA LEU A 174 -17.58 -15.24 38.28
C LEU A 174 -17.25 -15.03 36.82
N ALA A 175 -17.42 -16.05 35.99
CA ALA A 175 -17.08 -15.94 34.57
C ALA A 175 -17.76 -14.76 33.90
N PRO A 176 -19.03 -14.44 34.17
CA PRO A 176 -19.56 -13.16 33.69
C PRO A 176 -18.77 -11.94 34.17
N ILE A 177 -18.26 -11.95 35.40
CA ILE A 177 -17.52 -10.77 35.88
C ILE A 177 -16.22 -10.61 35.09
N VAL A 178 -15.48 -11.71 34.90
CA VAL A 178 -14.27 -11.64 34.09
C VAL A 178 -14.60 -11.28 32.65
N SER A 179 -15.73 -11.77 32.14
CA SER A 179 -16.18 -11.42 30.80
C SER A 179 -16.41 -9.92 30.68
N ILE A 180 -17.07 -9.33 31.67
CA ILE A 180 -17.41 -7.91 31.65
C ILE A 180 -16.11 -7.10 31.74
N ALA A 181 -15.19 -7.55 32.59
CA ALA A 181 -13.92 -6.85 32.72
C ALA A 181 -13.15 -6.87 31.42
N ILE A 182 -13.08 -8.03 30.76
CA ILE A 182 -12.38 -8.14 29.49
C ILE A 182 -13.06 -7.29 28.44
N ARG A 183 -14.40 -7.30 28.42
CA ARG A 183 -15.15 -6.50 27.47
C ARG A 183 -14.83 -5.02 27.60
N VAL A 184 -14.92 -4.49 28.83
CA VAL A 184 -14.71 -3.05 29.02
C VAL A 184 -13.25 -2.68 28.77
N VAL A 185 -12.31 -3.54 29.17
CA VAL A 185 -10.90 -3.24 28.95
C VAL A 185 -10.59 -3.22 27.45
N SER A 186 -11.08 -4.21 26.71
CA SER A 186 -10.88 -4.22 25.27
C SER A 186 -11.60 -3.05 24.61
N LYS A 187 -12.73 -2.62 25.17
CA LYS A 187 -13.42 -1.44 24.65
C LYS A 187 -12.53 -0.21 24.78
N ARG A 188 -11.93 -0.02 25.96
CA ARG A 188 -11.05 1.14 26.15
C ARG A 188 -9.85 1.07 25.22
N PHE A 189 -9.23 -0.11 25.09
CA PHE A 189 -8.07 -0.25 24.22
C PHE A 189 -8.43 0.01 22.75
N ARG A 190 -9.57 -0.55 22.31
CA ARG A 190 -10.02 -0.32 20.94
C ARG A 190 -10.28 1.16 20.70
N ASN A 191 -10.93 1.83 21.66
CA ASN A 191 -11.24 3.24 21.51
C ASN A 191 -9.97 4.06 21.39
N ILE A 192 -9.00 3.83 22.28
CA ILE A 192 -7.80 4.66 22.25
C ILE A 192 -6.97 4.37 21.00
N SER A 193 -6.89 3.10 20.57
CA SER A 193 -6.12 2.80 19.36
C SER A 193 -6.76 3.41 18.12
N LYS A 194 -8.09 3.29 17.99
CA LYS A 194 -8.77 3.88 16.85
C LYS A 194 -8.64 5.40 16.85
N ASN A 195 -8.74 6.02 18.03
CA ASN A 195 -8.58 7.46 18.12
C ASN A 195 -7.17 7.89 17.75
N MET A 196 -6.17 7.10 18.14
CA MET A 196 -4.78 7.52 17.97
C MET A 196 -4.21 7.22 16.58
N GLN A 197 -4.75 6.25 15.85
CA GLN A 197 -4.19 5.96 14.53
C GLN A 197 -4.43 7.11 13.54
N ASN A 198 -5.59 7.77 13.65
CA ASN A 198 -5.90 8.90 12.79
C ASN A 198 -4.87 10.00 12.97
N THR A 199 -4.45 10.25 14.22
CA THR A 199 -3.39 11.21 14.48
C THR A 199 -2.01 10.63 14.25
N MET A 200 -1.88 9.31 14.11
CA MET A 200 -0.59 8.74 13.76
C MET A 200 -0.25 9.06 12.32
N GLY A 201 -1.25 9.03 11.44
CA GLY A 201 -1.01 9.23 10.02
C GLY A 201 -0.33 10.54 9.60
N GLN A 202 -0.41 11.60 10.40
CA GLN A 202 0.08 12.90 9.94
C GLN A 202 1.59 12.89 9.73
N VAL A 203 2.31 12.02 10.44
CA VAL A 203 3.76 12.01 10.32
C VAL A 203 4.16 11.49 8.94
N THR A 204 3.56 10.39 8.50
CA THR A 204 3.84 9.92 7.15
C THR A 204 3.32 10.89 6.11
N THR A 205 2.27 11.66 6.43
CA THR A 205 1.88 12.73 5.49
C THR A 205 2.99 13.77 5.35
N SER A 206 3.57 14.22 6.46
CA SER A 206 4.66 15.19 6.40
C SER A 206 5.87 14.62 5.65
N ALA A 207 6.18 13.36 5.92
CA ALA A 207 7.21 12.67 5.14
C ALA A 207 6.89 12.76 3.66
N GLU A 208 5.67 12.38 3.28
CA GLU A 208 5.25 12.43 1.88
C GLU A 208 5.46 13.83 1.30
N GLN A 209 5.14 14.88 2.07
CA GLN A 209 5.37 16.23 1.62
C GLN A 209 6.84 16.44 1.24
N MET A 210 7.76 15.97 2.10
CA MET A 210 9.16 16.28 1.83
C MET A 210 9.77 15.36 0.75
N LEU A 211 9.51 14.05 0.83
CA LEU A 211 10.07 13.18 -0.21
C LEU A 211 9.49 13.48 -1.58
N LYS A 212 8.20 13.82 -1.66
CA LYS A 212 7.64 14.19 -2.96
C LYS A 212 8.30 15.46 -3.46
N GLY A 213 8.37 16.49 -2.62
CA GLY A 213 8.96 17.75 -3.00
C GLY A 213 10.43 17.87 -2.64
N HIS A 214 11.23 16.86 -2.99
CA HIS A 214 12.68 17.02 -2.89
C HIS A 214 13.14 18.19 -3.76
N LYS A 215 12.56 18.32 -4.93
CA LYS A 215 12.70 19.56 -5.69
C LYS A 215 11.82 20.62 -5.05
N GLU A 216 12.22 21.88 -5.20
CA GLU A 216 11.65 23.03 -4.50
C GLU A 216 12.02 23.03 -3.02
N VAL A 217 12.92 22.14 -2.61
CA VAL A 217 13.56 22.18 -1.29
C VAL A 217 15.05 22.39 -1.43
N LEU A 218 15.66 21.66 -2.36
CA LEU A 218 17.06 21.93 -2.71
C LEU A 218 17.21 23.33 -3.27
N ILE A 219 16.24 23.77 -4.08
CA ILE A 219 16.38 25.06 -4.76
C ILE A 219 16.26 26.20 -3.75
N PHE A 220 15.25 26.14 -2.88
CA PHE A 220 14.95 27.25 -2.00
C PHE A 220 15.75 27.20 -0.69
N GLY A 221 16.58 26.19 -0.49
CA GLY A 221 17.56 26.21 0.57
C GLY A 221 17.05 25.87 1.95
N GLY A 222 15.87 25.24 2.05
CA GLY A 222 15.28 24.95 3.35
C GLY A 222 15.37 23.49 3.77
N GLN A 223 16.50 22.84 3.49
CA GLN A 223 16.72 21.49 4.00
C GLN A 223 16.66 21.48 5.53
N GLU A 224 17.30 22.47 6.16
CA GLU A 224 17.40 22.47 7.62
C GLU A 224 16.03 22.70 8.27
N VAL A 225 15.23 23.61 7.71
CA VAL A 225 13.93 23.91 8.28
C VAL A 225 13.02 22.69 8.21
N GLU A 226 13.02 22.00 7.08
CA GLU A 226 12.18 20.81 6.97
C GLU A 226 12.73 19.65 7.79
N THR A 227 14.05 19.57 8.00
CA THR A 227 14.57 18.62 8.97
C THR A 227 14.04 18.92 10.36
N LYS A 228 13.96 20.20 10.72
CA LYS A 228 13.39 20.58 12.02
C LYS A 228 11.93 20.16 12.10
N ARG A 229 11.15 20.39 11.04
CA ARG A 229 9.75 20.00 11.04
C ARG A 229 9.61 18.49 11.22
N PHE A 230 10.39 17.72 10.48
CA PHE A 230 10.33 16.26 10.62
C PHE A 230 10.81 15.83 12.00
N ASP A 231 11.79 16.52 12.56
CA ASP A 231 12.25 16.22 13.90
C ASP A 231 11.14 16.36 14.94
N LYS A 232 10.45 17.49 14.96
CA LYS A 232 9.38 17.66 15.92
C LYS A 232 8.17 16.77 15.64
N VAL A 233 7.81 16.54 14.36
CA VAL A 233 6.69 15.64 14.11
C VAL A 233 7.06 14.19 14.42
N SER A 234 8.33 13.81 14.30
CA SER A 234 8.75 12.46 14.68
C SER A 234 8.80 12.31 16.20
N ASN A 235 9.12 13.40 16.91
CA ASN A 235 8.93 13.37 18.36
C ASN A 235 7.47 13.13 18.71
N ARG A 236 6.57 13.79 17.98
CA ARG A 236 5.14 13.52 18.16
C ARG A 236 4.83 12.05 17.86
N MET A 237 5.44 11.51 16.81
CA MET A 237 5.28 10.08 16.51
C MET A 237 5.70 9.21 17.67
N ARG A 238 6.88 9.45 18.24
CA ARG A 238 7.35 8.60 19.32
C ARG A 238 6.42 8.70 20.52
N LEU A 239 6.00 9.91 20.85
CA LEU A 239 5.14 10.09 22.02
C LEU A 239 3.77 9.42 21.80
N GLN A 240 3.17 9.60 20.63
CA GLN A 240 1.88 8.99 20.36
C GLN A 240 1.99 7.47 20.30
N GLY A 241 3.07 6.94 19.71
CA GLY A 241 3.26 5.52 19.67
C GLY A 241 3.45 4.92 21.05
N MET A 242 4.19 5.62 21.91
CA MET A 242 4.36 5.14 23.28
C MET A 242 3.05 5.20 24.05
N LYS A 243 2.24 6.23 23.82
CA LYS A 243 0.94 6.26 24.47
C LYS A 243 0.05 5.11 24.00
N MET A 244 0.05 4.86 22.69
CA MET A 244 -0.75 3.75 22.15
C MET A 244 -0.30 2.42 22.73
N VAL A 245 1.02 2.18 22.74
CA VAL A 245 1.51 0.88 23.19
C VAL A 245 1.31 0.73 24.70
N SER A 246 1.41 1.82 25.47
CA SER A 246 1.15 1.73 26.90
C SER A 246 -0.33 1.42 27.15
N ALA A 247 -1.23 2.11 26.45
CA ALA A 247 -2.64 1.83 26.63
C ALA A 247 -3.04 0.46 26.11
N SER A 248 -2.28 -0.11 25.17
CA SER A 248 -2.55 -1.46 24.69
C SER A 248 -1.99 -2.52 25.62
N SER A 249 -0.82 -2.26 26.19
CA SER A 249 -0.15 -3.22 27.07
C SER A 249 -0.57 -3.07 28.53
N ILE A 250 -1.45 -2.11 28.85
CA ILE A 250 -2.16 -2.12 30.12
C ILE A 250 -3.46 -2.91 30.05
N SER A 251 -3.87 -3.36 28.86
CA SER A 251 -5.08 -4.17 28.73
C SER A 251 -4.88 -5.59 29.23
N ASP A 252 -3.70 -6.16 29.00
CA ASP A 252 -3.46 -7.55 29.43
C ASP A 252 -3.17 -7.64 30.93
N PRO A 253 -2.32 -6.80 31.53
CA PRO A 253 -2.11 -6.91 32.98
C PRO A 253 -3.36 -6.73 33.81
N ILE A 254 -4.25 -5.79 33.45
CA ILE A 254 -5.46 -5.60 34.22
C ILE A 254 -6.39 -6.81 34.06
N ILE A 255 -6.42 -7.38 32.85
CA ILE A 255 -7.23 -8.57 32.61
C ILE A 255 -6.71 -9.73 33.47
N GLN A 256 -5.40 -9.90 33.50
CA GLN A 256 -4.82 -10.98 34.29
C GLN A 256 -5.01 -10.73 35.77
N LEU A 257 -5.03 -9.47 36.19
CA LEU A 257 -5.26 -9.16 37.59
C LEU A 257 -6.69 -9.49 38.01
N ILE A 258 -7.66 -8.99 37.24
CA ILE A 258 -9.07 -9.20 37.64
C ILE A 258 -9.31 -10.67 37.49
N ALA A 259 -8.59 -11.28 36.59
CA ALA A 259 -8.73 -12.73 36.42
C ALA A 259 -8.24 -13.41 37.67
N SER A 260 -7.12 -12.96 38.18
CA SER A 260 -6.62 -13.76 39.29
C SER A 260 -7.54 -13.52 40.47
N LEU A 261 -8.02 -12.30 40.66
CA LEU A 261 -8.99 -12.15 41.74
C LEU A 261 -9.98 -13.29 41.73
N ALA A 262 -10.42 -13.72 40.54
CA ALA A 262 -11.29 -14.87 40.45
C ALA A 262 -10.57 -16.13 40.92
N LEU A 263 -9.32 -16.30 40.51
CA LEU A 263 -8.53 -17.45 40.91
C LEU A 263 -8.40 -17.52 42.43
N ALA A 264 -8.09 -16.39 43.05
CA ALA A 264 -7.92 -16.33 44.50
C ALA A 264 -9.22 -16.57 45.23
N PHE A 265 -10.33 -16.01 44.73
CA PHE A 265 -11.59 -16.19 45.44
C PHE A 265 -12.04 -17.64 45.32
N VAL A 266 -11.80 -18.28 44.17
CA VAL A 266 -12.09 -19.70 44.04
C VAL A 266 -11.23 -20.51 45.03
N LEU A 267 -9.95 -20.20 45.09
CA LEU A 267 -9.07 -20.93 46.00
C LEU A 267 -9.47 -20.74 47.46
N TYR A 268 -9.85 -19.53 47.84
CA TYR A 268 -10.32 -19.28 49.20
C TYR A 268 -11.68 -19.93 49.45
N ALA A 269 -12.49 -20.08 48.40
CA ALA A 269 -13.75 -20.80 48.52
C ALA A 269 -13.48 -22.28 48.76
N ALA A 270 -12.31 -22.75 48.30
CA ALA A 270 -11.86 -24.10 48.65
C ALA A 270 -11.43 -24.21 50.11
N SER A 271 -11.33 -23.10 50.83
CA SER A 271 -10.93 -23.09 52.23
C SER A 271 -12.06 -23.48 53.17
N PHE A 272 -13.31 -23.29 52.76
CA PHE A 272 -14.43 -23.66 53.60
C PHE A 272 -14.42 -25.17 53.84
N PRO A 273 -14.54 -25.64 55.09
CA PRO A 273 -14.45 -27.10 55.31
C PRO A 273 -15.55 -27.88 54.64
N SER A 274 -16.69 -27.25 54.34
CA SER A 274 -17.71 -27.93 53.56
C SER A 274 -17.21 -28.27 52.16
N VAL A 275 -16.54 -27.31 51.51
CA VAL A 275 -15.97 -27.55 50.19
C VAL A 275 -14.78 -28.50 50.29
N MET A 276 -13.88 -28.23 51.23
CA MET A 276 -12.73 -29.08 51.41
C MET A 276 -13.17 -30.46 51.91
N ASP A 277 -12.38 -31.48 51.56
CA ASP A 277 -12.63 -32.90 51.84
C ASP A 277 -13.73 -33.47 50.93
N SER A 278 -14.36 -32.64 50.11
CA SER A 278 -15.20 -33.09 49.00
C SER A 278 -14.49 -32.96 47.66
N LEU A 279 -13.34 -32.28 47.62
CA LEU A 279 -12.53 -32.12 46.42
C LEU A 279 -11.22 -32.86 46.66
N THR A 280 -10.90 -33.81 45.79
CA THR A 280 -9.68 -34.59 45.91
C THR A 280 -8.55 -33.89 45.17
N ALA A 281 -7.36 -34.49 45.18
CA ALA A 281 -6.23 -33.92 44.45
C ALA A 281 -6.52 -33.88 42.95
N GLY A 282 -7.01 -34.98 42.40
CA GLY A 282 -7.40 -34.98 41.00
C GLY A 282 -8.50 -33.99 40.69
N THR A 283 -9.52 -33.95 41.54
CA THR A 283 -10.60 -32.98 41.34
C THR A 283 -10.08 -31.55 41.35
N ILE A 284 -9.22 -31.22 42.30
CA ILE A 284 -8.84 -29.82 42.47
C ILE A 284 -7.91 -29.41 41.32
N THR A 285 -7.01 -30.30 40.89
CA THR A 285 -6.18 -29.95 39.74
C THR A 285 -7.02 -29.80 38.49
N VAL A 286 -8.02 -30.66 38.32
CA VAL A 286 -8.87 -30.55 37.13
C VAL A 286 -9.59 -29.20 37.14
N VAL A 287 -10.11 -28.79 38.30
CA VAL A 287 -10.83 -27.53 38.36
C VAL A 287 -9.91 -26.36 38.06
N PHE A 288 -8.73 -26.32 38.68
CA PHE A 288 -7.84 -25.19 38.45
C PHE A 288 -7.27 -25.17 37.04
N SER A 289 -6.90 -26.36 36.54
CA SER A 289 -6.35 -26.47 35.16
C SER A 289 -7.40 -25.99 34.16
N SER A 290 -8.66 -26.37 34.39
CA SER A 290 -9.76 -25.96 33.49
C SER A 290 -9.88 -24.43 33.53
N MET A 291 -9.71 -23.83 34.71
CA MET A 291 -9.80 -22.36 34.84
C MET A 291 -8.56 -21.70 34.21
N ILE A 292 -7.37 -22.30 34.32
CA ILE A 292 -6.23 -21.63 33.67
C ILE A 292 -6.51 -21.69 32.18
N ALA A 293 -7.38 -22.59 31.76
CA ALA A 293 -7.75 -22.60 30.33
C ALA A 293 -9.13 -22.06 30.06
N LEU A 294 -9.81 -21.50 31.02
CA LEU A 294 -11.10 -20.94 30.59
C LEU A 294 -10.75 -19.54 30.17
N MET A 295 -9.58 -19.03 30.57
CA MET A 295 -9.27 -17.61 30.26
C MET A 295 -9.13 -17.40 28.75
N ARG A 296 -8.40 -18.27 28.05
CA ARG A 296 -8.14 -18.06 26.61
C ARG A 296 -9.45 -18.14 25.87
N PRO A 297 -10.35 -19.08 26.14
CA PRO A 297 -11.62 -19.00 25.54
C PRO A 297 -12.45 -17.81 26.00
N LEU A 298 -12.54 -17.44 27.28
CA LEU A 298 -13.42 -16.30 27.65
C LEU A 298 -12.84 -15.06 27.02
N LYS A 299 -11.52 -14.99 26.86
CA LYS A 299 -10.90 -13.81 26.17
C LYS A 299 -11.46 -13.68 24.75
N SER A 300 -11.22 -14.67 23.89
CA SER A 300 -11.65 -14.57 22.46
C SER A 300 -13.17 -14.51 22.29
N LEU A 301 -13.92 -15.31 23.06
CA LEU A 301 -15.41 -15.40 22.89
C LEU A 301 -16.04 -14.00 22.97
N THR A 302 -15.45 -13.09 23.75
CA THR A 302 -16.06 -11.77 23.95
C THR A 302 -15.58 -10.75 22.94
N ASN A 303 -14.41 -10.95 22.33
CA ASN A 303 -13.91 -10.09 21.27
C ASN A 303 -14.26 -10.64 19.89
N VAL A 304 -15.09 -11.68 19.81
CA VAL A 304 -15.50 -12.20 18.51
C VAL A 304 -16.36 -11.18 17.77
N ASN A 305 -17.17 -10.41 18.50
CA ASN A 305 -18.08 -9.49 17.84
C ASN A 305 -17.32 -8.40 17.10
N ALA A 306 -16.16 -8.00 17.62
CA ALA A 306 -15.34 -7.03 16.90
C ALA A 306 -14.91 -7.56 15.54
N GLN A 307 -14.46 -8.82 15.50
CA GLN A 307 -14.02 -9.39 14.23
C GLN A 307 -15.19 -9.61 13.29
N PHE A 308 -16.32 -10.07 13.82
CA PHE A 308 -17.50 -10.26 12.98
C PHE A 308 -18.11 -8.95 12.51
N GLN A 309 -17.79 -7.83 13.18
CA GLN A 309 -18.21 -6.52 12.70
C GLN A 309 -17.23 -6.02 11.63
N ARG A 310 -15.94 -6.23 11.85
CA ARG A 310 -14.92 -5.81 10.88
C ARG A 310 -15.17 -6.53 9.56
N GLY A 311 -15.38 -7.86 9.64
CA GLY A 311 -15.57 -8.63 8.43
C GLY A 311 -16.80 -8.20 7.66
N MET A 312 -17.91 -8.00 8.35
CA MET A 312 -19.16 -7.65 7.69
C MET A 312 -19.18 -6.18 7.25
N ALA A 313 -18.35 -5.33 7.85
CA ALA A 313 -18.18 -3.96 7.40
C ALA A 313 -17.35 -3.88 6.14
N ALA A 314 -16.28 -4.68 6.06
CA ALA A 314 -15.60 -4.87 4.78
C ALA A 314 -16.57 -5.39 3.74
N CYS A 315 -17.40 -6.36 4.13
CA CYS A 315 -18.43 -6.85 3.23
C CYS A 315 -19.43 -5.78 2.88
N GLN A 316 -19.73 -4.86 3.81
CA GLN A 316 -20.61 -3.75 3.47
C GLN A 316 -19.99 -2.85 2.42
N THR A 317 -18.69 -2.58 2.53
CA THR A 317 -18.02 -1.79 1.50
C THR A 317 -18.10 -2.47 0.15
N LEU A 318 -17.80 -3.76 0.10
CA LEU A 318 -17.87 -4.49 -1.17
C LEU A 318 -19.29 -4.53 -1.71
N PHE A 319 -20.27 -4.64 -0.82
CA PHE A 319 -21.66 -4.66 -1.27
C PHE A 319 -22.10 -3.30 -1.77
N THR A 320 -21.48 -2.23 -1.26
CA THR A 320 -21.74 -0.90 -1.81
C THR A 320 -21.15 -0.78 -3.21
N ILE A 321 -19.96 -1.34 -3.41
CA ILE A 321 -19.35 -1.36 -4.75
C ILE A 321 -20.26 -2.13 -5.69
N LEU A 322 -20.79 -3.25 -5.22
CA LEU A 322 -21.63 -4.10 -6.06
C LEU A 322 -22.99 -3.46 -6.35
N ASP A 323 -23.61 -2.84 -5.34
CA ASP A 323 -25.02 -2.46 -5.45
C ASP A 323 -25.22 -1.24 -6.34
N SER A 324 -24.24 -0.36 -6.44
CA SER A 324 -24.41 0.85 -7.22
C SER A 324 -24.64 0.52 -8.69
N GLU A 325 -25.48 1.32 -9.33
CA GLU A 325 -26.01 0.98 -10.64
C GLU A 325 -24.91 0.90 -11.70
N GLN A 326 -25.07 -0.03 -12.64
CA GLN A 326 -24.09 -0.26 -13.68
C GLN A 326 -24.20 0.83 -14.75
N GLU A 327 -23.46 0.69 -15.84
CA GLU A 327 -23.69 1.55 -17.00
C GLU A 327 -25.13 1.39 -17.47
N LYS A 328 -25.81 2.51 -17.66
CA LYS A 328 -27.24 2.51 -17.96
C LYS A 328 -27.42 2.06 -19.41
N ASP A 329 -27.71 0.77 -19.59
CA ASP A 329 -27.90 0.18 -20.91
C ASP A 329 -29.39 0.01 -21.15
N GLU A 330 -29.91 0.75 -22.13
CA GLU A 330 -31.30 0.64 -22.56
C GLU A 330 -31.42 0.48 -24.07
N GLY A 331 -30.35 0.07 -24.75
CA GLY A 331 -30.35 -0.03 -26.19
C GLY A 331 -31.36 -1.02 -26.73
N LYS A 332 -32.06 -0.61 -27.80
CA LYS A 332 -33.01 -1.45 -28.51
C LYS A 332 -32.52 -1.86 -29.89
N ARG A 333 -31.92 -0.93 -30.63
CA ARG A 333 -31.46 -1.20 -31.98
C ARG A 333 -30.09 -1.87 -31.96
N VAL A 334 -29.66 -2.30 -33.14
CA VAL A 334 -28.35 -2.91 -33.33
C VAL A 334 -27.75 -2.33 -34.61
N ILE A 335 -26.41 -2.39 -34.70
CA ILE A 335 -25.66 -1.76 -35.78
C ILE A 335 -24.50 -2.70 -36.12
N GLU A 336 -24.11 -2.71 -37.40
CA GLU A 336 -23.13 -3.66 -37.89
C GLU A 336 -21.86 -2.94 -38.27
N ARG A 337 -21.87 -2.06 -39.29
CA ARG A 337 -20.67 -1.35 -39.71
C ARG A 337 -20.98 0.04 -40.26
N ALA A 338 -22.03 0.69 -39.75
CA ALA A 338 -22.51 1.93 -40.34
C ALA A 338 -21.42 3.00 -40.35
N THR A 339 -21.02 3.40 -41.56
CA THR A 339 -19.97 4.38 -41.78
C THR A 339 -20.53 5.75 -42.15
N GLY A 340 -21.85 5.94 -42.04
CA GLY A 340 -22.43 7.23 -42.34
C GLY A 340 -22.02 8.29 -41.34
N ASP A 341 -22.40 9.52 -41.65
CA ASP A 341 -21.97 10.67 -40.86
C ASP A 341 -22.53 10.60 -39.45
N VAL A 342 -21.67 10.85 -38.47
CA VAL A 342 -22.10 11.07 -37.09
C VAL A 342 -22.54 12.51 -36.95
N GLU A 343 -23.72 12.73 -36.36
CA GLU A 343 -24.33 14.04 -36.26
C GLU A 343 -24.51 14.38 -34.78
N PHE A 344 -23.76 15.37 -34.31
CA PHE A 344 -23.99 15.96 -33.00
C PHE A 344 -25.03 17.06 -33.11
N ARG A 345 -25.78 17.29 -32.03
CA ARG A 345 -26.92 18.21 -32.08
C ARG A 345 -27.14 18.74 -30.67
N ASN A 346 -26.63 19.95 -30.41
CA ASN A 346 -26.92 20.74 -29.20
C ASN A 346 -26.80 19.91 -27.93
N VAL A 347 -25.73 19.12 -27.86
CA VAL A 347 -25.54 18.14 -26.79
C VAL A 347 -24.67 18.76 -25.71
N THR A 348 -25.14 18.68 -24.47
CA THR A 348 -24.46 19.25 -23.31
C THR A 348 -24.07 18.10 -22.38
N PHE A 349 -22.86 18.19 -21.83
CA PHE A 349 -22.37 17.18 -20.90
C PHE A 349 -21.25 17.79 -20.07
N THR A 350 -21.19 17.39 -18.80
CA THR A 350 -20.14 17.81 -17.88
C THR A 350 -19.44 16.58 -17.33
N TYR A 351 -18.12 16.68 -17.15
CA TYR A 351 -17.42 15.63 -16.44
C TYR A 351 -17.98 15.53 -15.02
N PRO A 352 -17.95 14.33 -14.41
CA PRO A 352 -18.52 14.21 -13.06
C PRO A 352 -17.76 15.07 -12.06
N GLY A 353 -18.52 15.68 -11.15
CA GLY A 353 -17.97 16.62 -10.20
C GLY A 353 -17.84 18.04 -10.70
N ARG A 354 -18.14 18.29 -11.97
CA ARG A 354 -18.09 19.62 -12.57
C ARG A 354 -19.49 20.05 -13.01
N ASP A 355 -19.88 21.26 -12.64
CA ASP A 355 -21.14 21.83 -13.08
C ASP A 355 -20.99 22.70 -14.33
N VAL A 356 -19.77 23.09 -14.67
CA VAL A 356 -19.56 23.84 -15.92
C VAL A 356 -19.85 22.91 -17.10
N PRO A 357 -20.55 23.36 -18.17
CA PRO A 357 -20.70 22.47 -19.33
C PRO A 357 -19.38 22.31 -20.06
N ALA A 358 -18.78 21.13 -19.93
CA ALA A 358 -17.59 20.82 -20.72
C ALA A 358 -17.94 20.78 -22.21
N LEU A 359 -19.19 20.45 -22.53
CA LEU A 359 -19.76 20.65 -23.86
C LEU A 359 -20.99 21.55 -23.71
N ARG A 360 -21.03 22.62 -24.49
CA ARG A 360 -22.19 23.47 -24.63
C ARG A 360 -23.02 22.94 -25.81
N ASN A 361 -23.94 23.76 -26.30
CA ASN A 361 -24.72 23.35 -27.46
C ASN A 361 -23.80 23.15 -28.66
N ILE A 362 -23.62 21.88 -29.05
CA ILE A 362 -22.69 21.47 -30.10
C ILE A 362 -23.50 20.86 -31.24
N ASN A 363 -23.21 21.31 -32.45
CA ASN A 363 -23.67 20.65 -33.67
C ASN A 363 -22.44 20.26 -34.50
N LEU A 364 -22.36 18.99 -34.88
CA LEU A 364 -21.17 18.48 -35.57
C LEU A 364 -21.59 17.31 -36.45
N LYS A 365 -21.62 17.54 -37.75
CA LYS A 365 -21.83 16.48 -38.73
C LYS A 365 -20.48 15.96 -39.20
N ILE A 366 -20.11 14.77 -38.74
CA ILE A 366 -18.80 14.19 -39.02
C ILE A 366 -18.80 13.72 -40.47
N PRO A 367 -17.86 14.18 -41.31
CA PRO A 367 -18.00 13.93 -42.75
C PRO A 367 -17.76 12.47 -43.10
N ALA A 368 -18.61 11.93 -43.97
CA ALA A 368 -18.51 10.53 -44.34
C ALA A 368 -17.25 10.27 -45.16
N GLY A 369 -16.58 9.16 -44.87
CA GLY A 369 -15.37 8.79 -45.58
C GLY A 369 -14.26 9.82 -45.50
N LYS A 370 -14.28 10.68 -44.49
CA LYS A 370 -13.35 11.80 -44.41
C LYS A 370 -13.14 12.15 -42.94
N THR A 371 -12.06 12.89 -42.68
CA THR A 371 -11.65 13.24 -41.33
C THR A 371 -12.16 14.63 -40.97
N VAL A 372 -12.21 14.87 -39.66
CA VAL A 372 -12.54 16.18 -39.11
C VAL A 372 -11.79 16.33 -37.79
N ALA A 373 -11.26 17.52 -37.55
CA ALA A 373 -10.26 17.71 -36.50
C ALA A 373 -10.62 18.87 -35.59
N LEU A 374 -10.14 18.78 -34.35
CA LEU A 374 -10.42 19.74 -33.28
C LEU A 374 -9.11 20.39 -32.89
N VAL A 375 -9.02 21.71 -33.09
CA VAL A 375 -7.78 22.45 -32.87
C VAL A 375 -7.80 23.13 -31.50
N GLY A 376 -8.80 22.82 -30.67
CA GLY A 376 -8.87 23.43 -29.37
C GLY A 376 -7.86 22.87 -28.40
N ARG A 377 -6.82 23.63 -28.08
CA ARG A 377 -5.79 23.14 -27.18
C ARG A 377 -6.27 23.13 -25.73
N SER A 378 -7.30 23.92 -25.41
CA SER A 378 -7.80 23.95 -24.04
C SER A 378 -8.33 22.59 -23.60
N GLY A 379 -8.81 21.79 -24.55
CA GLY A 379 -9.35 20.49 -24.21
C GLY A 379 -10.73 20.51 -23.60
N SER A 380 -11.44 21.63 -23.72
CA SER A 380 -12.80 21.75 -23.19
C SER A 380 -13.80 21.21 -24.23
N GLY A 381 -13.64 19.91 -24.51
CA GLY A 381 -14.45 19.23 -25.51
C GLY A 381 -13.69 18.24 -26.36
N LYS A 382 -12.38 18.46 -26.55
CA LYS A 382 -11.64 17.67 -27.53
C LYS A 382 -11.51 16.21 -27.08
N SER A 383 -11.21 15.99 -25.80
CA SER A 383 -11.20 14.64 -25.26
C SER A 383 -12.59 14.19 -24.83
N THR A 384 -13.41 15.14 -24.38
CA THR A 384 -14.76 14.83 -23.95
C THR A 384 -15.58 14.27 -25.11
N ILE A 385 -15.46 14.87 -26.30
CA ILE A 385 -16.24 14.37 -27.44
C ILE A 385 -15.79 12.98 -27.83
N ALA A 386 -14.48 12.71 -27.80
CA ALA A 386 -13.98 11.38 -28.11
C ALA A 386 -14.52 10.36 -27.12
N SER A 387 -14.53 10.69 -25.83
CA SER A 387 -15.14 9.79 -24.86
C SER A 387 -16.64 9.67 -25.07
N LEU A 388 -17.28 10.73 -25.56
CA LEU A 388 -18.73 10.72 -25.69
C LEU A 388 -19.20 9.82 -26.82
N ILE A 389 -18.54 9.90 -27.97
CA ILE A 389 -18.93 9.06 -29.10
C ILE A 389 -18.77 7.59 -28.76
N THR A 390 -17.86 7.26 -27.84
CA THR A 390 -17.74 5.90 -27.31
C THR A 390 -18.80 5.58 -26.25
N ARG A 391 -19.62 6.56 -25.85
CA ARG A 391 -20.59 6.40 -24.76
C ARG A 391 -19.91 5.92 -23.48
N PHE A 392 -18.73 6.46 -23.21
CA PHE A 392 -18.09 6.24 -21.92
C PHE A 392 -18.91 6.91 -20.84
N TYR A 393 -19.22 8.19 -21.06
CA TYR A 393 -20.10 8.94 -20.18
C TYR A 393 -21.36 9.34 -20.94
N ASP A 394 -22.51 9.12 -20.33
CA ASP A 394 -23.77 9.54 -20.94
C ASP A 394 -23.84 11.07 -20.94
N ILE A 395 -24.80 11.60 -21.69
CA ILE A 395 -24.93 13.04 -21.91
C ILE A 395 -26.02 13.60 -21.01
N ASP A 396 -25.92 14.90 -20.74
CA ASP A 396 -26.93 15.56 -19.92
C ASP A 396 -28.15 15.97 -20.74
N GLU A 397 -27.92 16.46 -21.96
CA GLU A 397 -29.00 16.95 -22.80
C GLU A 397 -28.63 16.75 -24.26
N GLY A 398 -29.63 16.87 -25.13
CA GLY A 398 -29.43 16.71 -26.55
C GLY A 398 -29.38 15.26 -26.96
N GLU A 399 -29.01 15.04 -28.22
CA GLU A 399 -28.79 13.70 -28.76
C GLU A 399 -27.63 13.73 -29.73
N ILE A 400 -26.74 12.74 -29.63
CA ILE A 400 -25.76 12.44 -30.67
C ILE A 400 -26.29 11.28 -31.49
N LEU A 401 -26.21 11.40 -32.81
CA LEU A 401 -26.85 10.46 -33.73
C LEU A 401 -25.79 9.70 -34.53
N MET A 402 -25.87 8.37 -34.46
CA MET A 402 -25.02 7.48 -35.24
C MET A 402 -25.76 7.19 -36.54
N ASP A 403 -25.26 7.75 -37.65
CA ASP A 403 -25.92 7.63 -38.95
C ASP A 403 -27.36 8.15 -38.88
N GLY A 404 -27.55 9.24 -38.12
CA GLY A 404 -28.89 9.77 -37.93
C GLY A 404 -29.76 8.94 -37.02
N HIS A 405 -29.17 8.11 -36.17
CA HIS A 405 -29.88 7.26 -35.23
C HIS A 405 -29.29 7.47 -33.84
N ASP A 406 -30.17 7.54 -32.84
CA ASP A 406 -29.76 7.96 -31.50
C ASP A 406 -28.71 7.00 -30.93
N LEU A 407 -27.75 7.58 -30.19
CA LEU A 407 -26.71 6.77 -29.58
C LEU A 407 -27.29 5.79 -28.57
N ARG A 408 -28.24 6.25 -27.76
CA ARG A 408 -28.87 5.37 -26.79
C ARG A 408 -29.64 4.22 -27.42
N GLU A 409 -30.16 4.40 -28.64
CA GLU A 409 -30.95 3.36 -29.29
C GLU A 409 -30.15 2.08 -29.53
N TYR A 410 -28.96 2.20 -30.09
CA TYR A 410 -28.12 1.03 -30.30
C TYR A 410 -27.62 0.50 -28.96
N THR A 411 -27.37 -0.80 -28.90
CA THR A 411 -26.82 -1.40 -27.70
C THR A 411 -25.40 -0.88 -27.47
N LEU A 412 -25.01 -0.83 -26.20
CA LEU A 412 -23.68 -0.33 -25.86
C LEU A 412 -22.60 -1.17 -26.51
N ALA A 413 -22.72 -2.50 -26.42
CA ALA A 413 -21.72 -3.38 -27.01
C ALA A 413 -21.62 -3.16 -28.52
N SER A 414 -22.76 -3.02 -29.19
CA SER A 414 -22.74 -2.80 -30.64
C SER A 414 -22.02 -1.51 -30.98
N LEU A 415 -22.41 -0.40 -30.35
CA LEU A 415 -21.80 0.89 -30.66
C LEU A 415 -20.31 0.88 -30.37
N ARG A 416 -19.92 0.31 -29.23
CA ARG A 416 -18.50 0.22 -28.90
C ARG A 416 -17.77 -0.62 -29.94
N ASN A 417 -18.44 -1.63 -30.49
CA ASN A 417 -17.86 -2.37 -31.60
C ASN A 417 -17.67 -1.47 -32.81
N GLN A 418 -18.62 -0.56 -33.05
CA GLN A 418 -18.50 0.34 -34.21
C GLN A 418 -17.30 1.26 -34.09
N VAL A 419 -17.05 1.83 -32.91
CA VAL A 419 -16.02 2.84 -32.75
C VAL A 419 -14.69 2.18 -32.40
N ALA A 420 -13.60 2.93 -32.53
CA ALA A 420 -12.28 2.44 -32.15
C ALA A 420 -11.41 3.63 -31.78
N LEU A 421 -10.68 3.50 -30.69
CA LEU A 421 -9.79 4.53 -30.18
C LEU A 421 -8.35 4.05 -30.30
N VAL A 422 -7.46 4.96 -30.70
CA VAL A 422 -6.04 4.70 -30.80
C VAL A 422 -5.30 5.83 -30.09
N SER A 423 -4.34 5.48 -29.25
CA SER A 423 -3.58 6.46 -28.48
C SER A 423 -2.31 5.82 -27.97
N GLN A 424 -1.39 6.66 -27.49
CA GLN A 424 -0.17 6.15 -26.86
C GLN A 424 -0.46 5.49 -25.53
N ASN A 425 -1.61 5.80 -24.91
CA ASN A 425 -1.95 5.24 -23.60
C ASN A 425 -2.72 3.94 -23.76
N VAL A 426 -2.56 3.25 -24.89
CA VAL A 426 -3.16 1.94 -25.10
C VAL A 426 -2.26 0.92 -24.42
N HIS A 427 -2.57 0.59 -23.17
CA HIS A 427 -1.83 -0.45 -22.47
C HIS A 427 -2.27 -1.82 -22.96
N LEU A 428 -1.47 -2.84 -22.66
CA LEU A 428 -1.51 -4.11 -23.37
C LEU A 428 -1.98 -5.21 -22.41
N PHE A 429 -2.75 -6.14 -22.95
CA PHE A 429 -3.37 -7.19 -22.15
C PHE A 429 -2.49 -8.43 -22.17
N ASN A 430 -2.14 -8.96 -21.00
CA ASN A 430 -1.06 -9.95 -20.91
C ASN A 430 -1.58 -11.26 -21.50
N ASP A 431 -1.53 -11.33 -22.83
CA ASP A 431 -1.80 -12.55 -23.58
C ASP A 431 -0.79 -12.66 -24.70
N THR A 432 -1.03 -13.55 -25.66
CA THR A 432 -0.24 -13.54 -26.88
C THR A 432 -0.53 -12.26 -27.65
N VAL A 433 0.47 -11.77 -28.37
CA VAL A 433 0.28 -10.57 -29.17
C VAL A 433 -0.81 -10.81 -30.21
N ALA A 434 -0.87 -12.02 -30.77
CA ALA A 434 -1.90 -12.34 -31.74
C ALA A 434 -3.30 -12.21 -31.14
N ASN A 435 -3.49 -12.69 -29.91
CA ASN A 435 -4.75 -12.50 -29.21
C ASN A 435 -4.92 -11.09 -28.69
N ASN A 436 -3.83 -10.37 -28.39
CA ASN A 436 -3.95 -8.96 -28.07
C ASN A 436 -4.55 -8.20 -29.24
N ILE A 437 -4.10 -8.49 -30.46
CA ILE A 437 -4.68 -7.88 -31.65
C ILE A 437 -6.14 -8.29 -31.80
N ALA A 438 -6.49 -9.50 -31.39
CA ALA A 438 -7.83 -10.05 -31.61
C ALA A 438 -8.58 -10.26 -30.30
N TYR A 439 -8.52 -9.23 -29.44
CA TYR A 439 -9.28 -9.32 -28.17
C TYR A 439 -10.76 -9.46 -28.49
N ALA A 440 -11.41 -10.49 -27.94
CA ALA A 440 -12.80 -10.81 -28.22
C ALA A 440 -13.03 -11.18 -29.68
N ARG A 441 -11.97 -11.39 -30.47
CA ARG A 441 -12.07 -11.69 -31.89
C ARG A 441 -11.23 -12.89 -32.30
N THR A 442 -10.60 -13.59 -31.35
CA THR A 442 -9.78 -14.74 -31.70
C THR A 442 -10.63 -15.82 -32.37
N GLU A 443 -11.86 -15.99 -31.91
CA GLU A 443 -12.79 -16.88 -32.61
C GLU A 443 -13.13 -16.33 -34.00
N GLN A 444 -13.20 -15.01 -34.13
CA GLN A 444 -13.69 -14.41 -35.37
C GLN A 444 -12.76 -14.71 -36.55
N TYR A 445 -11.45 -14.61 -36.32
CA TYR A 445 -10.45 -14.74 -37.39
C TYR A 445 -9.42 -15.80 -37.02
N SER A 446 -8.82 -16.39 -38.05
CA SER A 446 -7.66 -17.25 -37.89
C SER A 446 -6.39 -16.40 -37.83
N ARG A 447 -5.25 -17.07 -37.75
CA ARG A 447 -3.99 -16.36 -37.54
C ARG A 447 -3.60 -15.50 -38.75
N GLU A 448 -3.87 -15.99 -39.96
CA GLU A 448 -3.36 -15.34 -41.18
C GLU A 448 -3.78 -13.88 -41.24
N GLN A 449 -5.04 -13.60 -40.92
CA GLN A 449 -5.51 -12.21 -40.88
C GLN A 449 -4.69 -11.39 -39.89
N ILE A 450 -4.40 -11.97 -38.72
CA ILE A 450 -3.67 -11.23 -37.68
C ILE A 450 -2.27 -10.90 -38.16
N GLU A 451 -1.54 -11.90 -38.66
CA GLU A 451 -0.15 -11.68 -39.02
C GLU A 451 -0.04 -10.80 -40.26
N GLU A 452 -1.04 -10.83 -41.15
CA GLU A 452 -1.01 -9.93 -42.30
C GLU A 452 -1.37 -8.51 -41.87
N ALA A 453 -2.34 -8.36 -40.97
CA ALA A 453 -2.70 -7.04 -40.47
C ALA A 453 -1.54 -6.39 -39.75
N ALA A 454 -0.66 -7.19 -39.17
CA ALA A 454 0.55 -6.64 -38.56
C ALA A 454 1.40 -5.90 -39.59
N ARG A 455 1.54 -6.46 -40.80
CA ARG A 455 2.30 -5.78 -41.85
C ARG A 455 1.51 -4.63 -42.47
N MET A 456 0.21 -4.79 -42.69
CA MET A 456 -0.57 -3.66 -43.22
C MET A 456 -0.66 -2.55 -42.18
N ALA A 457 -0.39 -2.86 -40.90
CA ALA A 457 -0.27 -1.85 -39.85
C ALA A 457 1.17 -1.39 -39.64
N TYR A 458 2.10 -1.80 -40.50
CA TYR A 458 3.51 -1.43 -40.37
C TYR A 458 4.05 -1.86 -39.01
N ALA A 459 3.65 -3.06 -38.57
CA ALA A 459 4.05 -3.60 -37.28
C ALA A 459 4.82 -4.92 -37.43
N MET A 460 4.43 -5.74 -38.41
CA MET A 460 5.03 -7.09 -38.59
C MET A 460 6.56 -7.02 -38.53
N ASP A 461 7.14 -5.95 -39.08
CA ASP A 461 8.62 -5.84 -39.10
C ASP A 461 9.11 -5.85 -37.66
N PHE A 462 8.40 -5.16 -36.76
CA PHE A 462 8.77 -5.13 -35.33
C PHE A 462 8.31 -6.40 -34.62
N ILE A 463 7.15 -6.97 -34.99
CA ILE A 463 6.69 -8.15 -34.25
C ILE A 463 7.68 -9.29 -34.37
N ASN A 464 8.30 -9.46 -35.55
CA ASN A 464 9.40 -10.41 -35.65
C ASN A 464 10.65 -9.88 -34.98
N LYS A 465 10.83 -8.56 -34.93
CA LYS A 465 12.01 -8.02 -34.26
C LYS A 465 11.98 -8.32 -32.76
N MET A 466 10.79 -8.51 -32.19
CA MET A 466 10.72 -8.99 -30.82
C MET A 466 11.41 -10.35 -30.72
N ASP A 467 12.20 -10.52 -29.66
CA ASP A 467 13.03 -11.72 -29.53
C ASP A 467 12.17 -12.97 -29.40
N ASN A 468 11.11 -12.93 -28.59
CA ASN A 468 10.28 -14.11 -28.40
C ASN A 468 9.54 -14.49 -29.67
N GLY A 469 8.91 -13.51 -30.33
CA GLY A 469 8.25 -13.70 -31.60
C GLY A 469 6.81 -13.25 -31.56
N LEU A 470 6.03 -13.75 -32.54
CA LEU A 470 4.64 -13.34 -32.67
C LEU A 470 3.80 -13.80 -31.49
N ASP A 471 4.04 -15.01 -30.99
CA ASP A 471 3.25 -15.57 -29.90
C ASP A 471 3.74 -15.14 -28.53
N THR A 472 4.52 -14.08 -28.43
CA THR A 472 5.11 -13.67 -27.16
C THR A 472 4.03 -13.11 -26.23
N VAL A 473 4.27 -13.26 -24.92
CA VAL A 473 3.47 -12.53 -23.95
C VAL A 473 3.84 -11.05 -24.05
N ILE A 474 2.82 -10.20 -24.02
CA ILE A 474 2.95 -8.82 -24.48
C ILE A 474 3.10 -7.84 -23.32
N GLY A 475 2.41 -8.08 -22.21
CA GLY A 475 2.32 -7.07 -21.17
C GLY A 475 3.38 -7.17 -20.09
N GLU A 476 2.95 -7.49 -18.86
CA GLU A 476 3.85 -7.48 -17.72
C GLU A 476 4.96 -8.52 -17.90
N ASN A 477 6.21 -8.05 -17.84
CA ASN A 477 7.40 -8.89 -17.98
C ASN A 477 7.36 -9.70 -19.28
N GLY A 478 6.78 -9.11 -20.32
CA GLY A 478 6.81 -9.63 -21.67
C GLY A 478 7.82 -8.88 -22.50
N VAL A 479 7.45 -8.59 -23.75
CA VAL A 479 8.27 -7.70 -24.55
C VAL A 479 8.15 -6.27 -24.03
N LEU A 480 6.96 -5.89 -23.55
CA LEU A 480 6.73 -4.58 -22.93
C LEU A 480 7.01 -3.46 -23.94
N LEU A 481 6.16 -3.42 -24.97
CA LEU A 481 6.30 -2.50 -26.08
C LEU A 481 6.33 -1.05 -25.62
N SER A 482 7.09 -0.21 -26.33
CA SER A 482 7.25 1.20 -26.01
C SER A 482 5.98 1.97 -26.37
N GLY A 483 6.02 3.28 -26.12
CA GLY A 483 4.89 4.13 -26.44
C GLY A 483 4.60 4.18 -27.94
N GLY A 484 5.65 4.35 -28.75
CA GLY A 484 5.47 4.28 -30.19
C GLY A 484 5.04 2.89 -30.64
N GLN A 485 5.65 1.85 -30.06
CA GLN A 485 5.22 0.50 -30.37
C GLN A 485 3.82 0.25 -29.84
N ARG A 486 3.44 0.92 -28.75
CA ARG A 486 2.05 0.88 -28.29
C ARG A 486 1.13 1.46 -29.35
N GLN A 487 1.52 2.60 -29.93
CA GLN A 487 0.70 3.19 -30.98
C GLN A 487 0.59 2.25 -32.17
N ARG A 488 1.71 1.63 -32.53
CA ARG A 488 1.72 0.73 -33.71
C ARG A 488 0.87 -0.53 -33.46
N ILE A 489 0.91 -1.07 -32.23
CA ILE A 489 0.17 -2.30 -31.95
C ILE A 489 -1.32 -1.98 -31.85
N ALA A 490 -1.66 -0.82 -31.28
CA ALA A 490 -3.04 -0.37 -31.28
C ALA A 490 -3.56 -0.15 -32.69
N ILE A 491 -2.70 0.40 -33.56
CA ILE A 491 -3.08 0.58 -34.96
C ILE A 491 -3.34 -0.76 -35.61
N ALA A 492 -2.54 -1.78 -35.25
CA ALA A 492 -2.78 -3.12 -35.77
C ALA A 492 -4.15 -3.64 -35.33
N ARG A 493 -4.49 -3.43 -34.06
CA ARG A 493 -5.81 -3.85 -33.59
C ARG A 493 -6.91 -3.16 -34.38
N ALA A 494 -6.83 -1.84 -34.48
CA ALA A 494 -7.87 -1.07 -35.16
C ALA A 494 -7.96 -1.46 -36.63
N LEU A 495 -6.82 -1.79 -37.24
CA LEU A 495 -6.82 -2.20 -38.63
C LEU A 495 -7.54 -3.53 -38.79
N LEU A 496 -7.27 -4.48 -37.89
CA LEU A 496 -7.93 -5.78 -37.99
C LEU A 496 -9.43 -5.67 -37.79
N ARG A 497 -9.86 -4.88 -36.81
CA ARG A 497 -11.28 -4.90 -36.43
C ARG A 497 -12.19 -4.41 -37.55
N ASP A 498 -11.65 -3.62 -38.49
CA ASP A 498 -12.44 -3.09 -39.60
C ASP A 498 -13.55 -2.18 -39.08
N SER A 499 -13.19 -1.31 -38.14
CA SER A 499 -14.19 -0.49 -37.46
C SER A 499 -14.76 0.57 -38.41
N PRO A 500 -16.03 0.95 -38.25
CA PRO A 500 -16.55 2.07 -39.07
C PRO A 500 -16.04 3.44 -38.68
N ILE A 501 -15.70 3.67 -37.41
CA ILE A 501 -15.29 4.99 -36.93
C ILE A 501 -13.98 4.86 -36.17
N LEU A 502 -13.08 5.82 -36.38
CA LEU A 502 -11.73 5.82 -35.80
C LEU A 502 -11.61 7.10 -34.98
N ILE A 503 -11.33 6.96 -33.68
CA ILE A 503 -11.41 8.07 -32.72
C ILE A 503 -9.97 8.29 -32.23
N LEU A 504 -9.01 8.13 -33.14
CA LEU A 504 -7.58 8.28 -32.84
C LEU A 504 -7.32 9.57 -32.09
N ASP A 505 -6.85 9.44 -30.85
CA ASP A 505 -6.72 10.62 -29.99
C ASP A 505 -5.67 11.58 -30.52
N GLU A 506 -4.51 11.07 -30.93
CA GLU A 506 -3.37 11.92 -31.27
C GLU A 506 -3.03 12.86 -30.12
N ALA A 507 -3.01 12.29 -28.91
CA ALA A 507 -2.84 13.11 -27.71
C ALA A 507 -1.48 13.79 -27.70
N THR A 508 -0.43 13.08 -28.12
CA THR A 508 0.92 13.61 -28.17
C THR A 508 1.52 13.35 -29.54
N SER A 509 2.23 14.35 -30.08
CA SER A 509 2.94 14.20 -31.35
C SER A 509 4.25 13.48 -31.06
N ALA A 510 4.16 12.16 -30.97
CA ALA A 510 5.34 11.33 -30.71
C ALA A 510 6.36 11.53 -31.83
N LEU A 511 7.61 11.72 -31.43
CA LEU A 511 8.70 12.02 -32.35
C LEU A 511 9.67 10.85 -32.50
N ASP A 512 9.12 9.63 -32.57
CA ASP A 512 9.93 8.43 -32.68
C ASP A 512 10.69 8.44 -33.99
N THR A 513 11.99 8.67 -33.93
CA THR A 513 12.81 8.68 -35.13
C THR A 513 12.83 7.30 -35.78
N GLU A 514 12.60 7.28 -37.09
CA GLU A 514 12.57 6.12 -37.98
C GLU A 514 11.27 5.30 -37.80
N SER A 515 10.44 5.60 -36.80
CA SER A 515 9.20 4.87 -36.55
C SER A 515 7.96 5.74 -36.67
N GLU A 516 8.06 7.05 -36.45
CA GLU A 516 6.88 7.91 -36.51
C GLU A 516 6.30 7.95 -37.91
N ARG A 517 7.16 8.06 -38.93
CA ARG A 517 6.68 8.08 -40.31
C ARG A 517 5.90 6.80 -40.64
N ALA A 518 6.36 5.66 -40.12
CA ALA A 518 5.59 4.43 -40.27
C ALA A 518 4.23 4.57 -39.61
N ILE A 519 4.17 5.26 -38.47
CA ILE A 519 2.87 5.46 -37.81
C ILE A 519 1.97 6.33 -38.66
N GLN A 520 2.51 7.39 -39.29
CA GLN A 520 1.68 8.24 -40.14
C GLN A 520 1.14 7.46 -41.34
N ALA A 521 2.01 6.67 -41.98
CA ALA A 521 1.55 5.82 -43.06
C ALA A 521 0.52 4.82 -42.57
N ALA A 522 0.66 4.35 -41.32
CA ALA A 522 -0.31 3.44 -40.75
C ALA A 522 -1.65 4.11 -40.54
N LEU A 523 -1.67 5.38 -40.09
CA LEU A 523 -2.94 6.09 -39.96
C LEU A 523 -3.58 6.29 -41.32
N ASP A 524 -2.77 6.61 -42.34
CA ASP A 524 -3.32 6.77 -43.68
C ASP A 524 -3.92 5.48 -44.19
N GLU A 525 -3.25 4.35 -43.91
CA GLU A 525 -3.83 3.04 -44.22
C GLU A 525 -5.12 2.83 -43.42
N LEU A 526 -5.13 3.22 -42.15
CA LEU A 526 -6.35 3.15 -41.36
C LEU A 526 -7.43 4.04 -41.97
N GLN A 527 -7.06 5.25 -42.38
CA GLN A 527 -8.03 6.21 -42.92
C GLN A 527 -8.15 6.10 -44.44
N LYS A 528 -8.34 4.87 -44.93
CA LYS A 528 -8.79 4.69 -46.30
C LYS A 528 -10.23 5.14 -46.45
N ASN A 529 -11.04 4.92 -45.42
CA ASN A 529 -12.45 5.27 -45.28
C ASN A 529 -12.63 5.50 -43.77
N ARG A 530 -13.81 5.23 -43.22
CA ARG A 530 -13.97 5.31 -41.76
C ARG A 530 -13.89 6.74 -41.23
N THR A 531 -15.04 7.43 -41.29
CA THR A 531 -15.23 8.75 -40.68
C THR A 531 -14.42 8.87 -39.39
N SER A 532 -13.54 9.85 -39.35
CA SER A 532 -12.52 9.96 -38.32
C SER A 532 -12.84 11.11 -37.37
N LEU A 533 -12.30 11.00 -36.18
CA LEU A 533 -12.39 12.01 -35.13
C LEU A 533 -11.00 12.32 -34.59
N VAL A 534 -10.02 12.35 -35.49
CA VAL A 534 -8.65 12.66 -35.09
C VAL A 534 -8.61 14.05 -34.48
N ILE A 535 -7.97 14.17 -33.33
CA ILE A 535 -7.88 15.44 -32.61
C ILE A 535 -6.64 16.17 -33.09
N ALA A 536 -6.84 17.38 -33.63
CA ALA A 536 -5.75 18.10 -34.28
C ALA A 536 -4.65 18.42 -33.29
N HIS A 537 -3.50 17.75 -33.45
CA HIS A 537 -2.33 17.99 -32.61
C HIS A 537 -1.08 18.24 -33.43
N ARG A 538 -0.94 17.55 -34.56
CA ARG A 538 0.27 17.59 -35.37
C ARG A 538 0.02 18.30 -36.70
N LEU A 539 1.02 19.04 -37.16
CA LEU A 539 0.89 19.84 -38.38
C LEU A 539 0.63 18.96 -39.59
N SER A 540 1.34 17.83 -39.71
CA SER A 540 1.21 16.98 -40.88
C SER A 540 -0.19 16.38 -40.98
N THR A 541 -0.77 16.02 -39.84
CA THR A 541 -2.11 15.43 -39.85
C THR A 541 -3.18 16.46 -40.18
N ILE A 542 -3.09 17.65 -39.59
CA ILE A 542 -4.06 18.70 -39.89
C ILE A 542 -3.95 19.13 -41.35
N GLU A 543 -2.77 18.98 -41.96
CA GLU A 543 -2.63 19.27 -43.38
C GLU A 543 -3.55 18.38 -44.21
N LYS A 544 -3.73 17.13 -43.81
CA LYS A 544 -4.63 16.18 -44.46
C LYS A 544 -6.00 16.16 -43.78
N ALA A 545 -6.40 17.25 -43.15
CA ALA A 545 -7.73 17.32 -42.55
C ALA A 545 -8.75 17.75 -43.60
N ASP A 546 -9.72 16.88 -43.88
CA ASP A 546 -10.75 17.22 -44.86
C ASP A 546 -11.70 18.29 -44.32
N GLU A 547 -11.99 18.27 -43.02
CA GLU A 547 -12.76 19.30 -42.36
C GLU A 547 -12.03 19.67 -41.08
N ILE A 548 -12.34 20.85 -40.55
CA ILE A 548 -11.66 21.39 -39.38
C ILE A 548 -12.68 22.00 -38.44
N VAL A 549 -12.44 21.82 -37.14
CA VAL A 549 -13.24 22.40 -36.08
C VAL A 549 -12.26 22.90 -35.02
N VAL A 550 -12.70 23.89 -34.25
CA VAL A 550 -11.96 24.34 -33.07
C VAL A 550 -12.97 24.69 -31.98
N VAL A 551 -12.77 24.10 -30.80
CA VAL A 551 -13.72 24.15 -29.69
C VAL A 551 -12.99 24.62 -28.45
N GLU A 552 -13.57 25.59 -27.76
CA GLU A 552 -13.06 26.05 -26.47
C GLU A 552 -14.23 26.50 -25.62
N ASP A 553 -14.13 26.29 -24.31
CA ASP A 553 -15.17 26.56 -23.34
C ASP A 553 -16.44 25.76 -23.61
N GLY A 554 -16.34 24.65 -24.34
CA GLY A 554 -17.47 23.78 -24.60
C GLY A 554 -18.28 24.13 -25.83
N VAL A 555 -18.04 25.27 -26.47
CA VAL A 555 -18.74 25.68 -27.68
C VAL A 555 -17.72 25.72 -28.81
N ILE A 556 -18.14 25.26 -29.99
CA ILE A 556 -17.24 25.26 -31.15
C ILE A 556 -16.90 26.70 -31.48
N VAL A 557 -15.64 27.07 -31.26
CA VAL A 557 -15.20 28.43 -31.55
C VAL A 557 -15.28 28.71 -33.03
N GLU A 558 -14.90 27.75 -33.87
CA GLU A 558 -15.07 27.90 -35.30
C GLU A 558 -15.31 26.54 -35.95
N ARG A 559 -16.12 26.55 -37.01
CA ARG A 559 -16.54 25.35 -37.74
C ARG A 559 -16.28 25.61 -39.22
N GLY A 560 -15.26 24.95 -39.76
CA GLY A 560 -14.92 25.13 -41.16
C GLY A 560 -13.49 24.69 -41.41
N THR A 561 -13.15 24.60 -42.69
CA THR A 561 -11.87 24.05 -43.12
C THR A 561 -10.71 24.94 -42.69
N HIS A 562 -9.49 24.58 -43.13
CA HIS A 562 -8.28 25.29 -42.71
C HIS A 562 -8.38 26.78 -43.08
N ASN A 563 -8.97 27.05 -44.25
CA ASN A 563 -9.09 28.42 -44.72
C ASN A 563 -9.93 29.26 -43.76
N ASP A 564 -11.02 28.68 -43.25
CA ASP A 564 -11.82 29.39 -42.26
C ASP A 564 -11.05 29.58 -40.97
N LEU A 565 -10.25 28.58 -40.58
CA LEU A 565 -9.46 28.69 -39.36
C LEU A 565 -8.31 29.68 -39.50
N LEU A 566 -7.98 30.12 -40.72
CA LEU A 566 -6.95 31.14 -40.89
C LEU A 566 -7.28 32.43 -40.14
N GLU A 567 -8.57 32.70 -39.89
CA GLU A 567 -8.93 33.87 -39.10
C GLU A 567 -8.38 33.77 -37.69
N HIS A 568 -8.29 32.57 -37.14
CA HIS A 568 -7.75 32.31 -35.81
C HIS A 568 -6.48 31.46 -35.88
N ARG A 569 -5.57 31.82 -36.78
CA ARG A 569 -4.31 31.11 -36.94
C ARG A 569 -3.24 31.54 -35.93
N GLY A 570 -3.63 32.15 -34.81
CA GLY A 570 -2.69 32.36 -33.74
C GLY A 570 -2.11 31.06 -33.21
N VAL A 571 -2.86 29.97 -33.35
CA VAL A 571 -2.41 28.62 -33.00
C VAL A 571 -2.58 27.75 -34.25
N TYR A 572 -1.52 27.69 -35.07
CA TYR A 572 -1.59 27.04 -36.37
C TYR A 572 -0.42 26.14 -36.74
N ALA A 573 0.78 26.41 -36.24
CA ALA A 573 2.00 25.90 -36.86
C ALA A 573 2.71 24.82 -36.04
N GLN A 574 2.60 24.84 -34.73
CA GLN A 574 3.27 23.82 -33.92
C GLN A 574 2.51 22.50 -34.00
N THR B 12 23.65 -11.45 9.70
CA THR B 12 23.05 -10.40 10.51
C THR B 12 24.10 -9.68 11.34
N PHE B 13 24.73 -8.67 10.72
CA PHE B 13 25.69 -7.81 11.41
C PHE B 13 24.99 -6.50 11.76
N ARG B 14 25.04 -6.14 13.04
CA ARG B 14 24.33 -4.98 13.55
C ARG B 14 25.33 -3.85 13.76
N ARG B 15 25.34 -2.90 12.83
CA ARG B 15 25.90 -1.58 13.05
C ARG B 15 24.88 -0.64 13.68
N LEU B 16 23.69 -1.15 14.00
CA LEU B 16 22.65 -0.36 14.65
C LEU B 16 22.87 -0.23 16.15
N TRP B 17 23.84 -0.95 16.72
CA TRP B 17 24.06 -0.90 18.16
C TRP B 17 24.45 0.48 18.66
N PRO B 18 25.31 1.25 17.98
CA PRO B 18 25.50 2.65 18.38
C PRO B 18 24.21 3.46 18.40
N THR B 19 23.22 3.12 17.59
CA THR B 19 21.92 3.76 17.67
C THR B 19 21.10 3.30 18.86
N ILE B 20 21.33 2.07 19.34
CA ILE B 20 20.64 1.58 20.54
C ILE B 20 21.42 1.94 21.81
N ALA B 21 22.74 2.06 21.72
CA ALA B 21 23.56 2.23 22.92
C ALA B 21 23.19 3.43 23.79
N PRO B 22 22.85 4.61 23.26
CA PRO B 22 22.47 5.71 24.15
C PRO B 22 21.28 5.40 25.04
N PHE B 23 20.37 4.54 24.59
CA PHE B 23 19.15 4.20 25.33
C PHE B 23 19.24 2.81 25.96
N LYS B 24 20.45 2.23 26.01
CA LYS B 24 20.66 0.87 26.48
C LYS B 24 20.06 0.63 27.85
N ALA B 25 20.12 1.62 28.73
CA ALA B 25 19.57 1.48 30.08
C ALA B 25 18.14 0.98 30.05
N GLY B 26 17.31 1.56 29.17
CA GLY B 26 15.94 1.10 29.07
C GLY B 26 15.86 -0.38 28.75
N LEU B 27 16.63 -0.83 27.76
CA LEU B 27 16.67 -2.25 27.45
C LEU B 27 17.11 -3.06 28.65
N ILE B 28 18.12 -2.58 29.38
CA ILE B 28 18.58 -3.29 30.57
C ILE B 28 17.43 -3.41 31.56
N VAL B 29 16.70 -2.32 31.77
CA VAL B 29 15.56 -2.40 32.67
C VAL B 29 14.54 -3.39 32.14
N ALA B 30 14.30 -3.36 30.81
CA ALA B 30 13.38 -4.32 30.22
C ALA B 30 13.84 -5.73 30.48
N GLY B 31 15.16 -5.97 30.40
CA GLY B 31 15.67 -7.27 30.77
C GLY B 31 15.30 -7.62 32.21
N VAL B 32 15.62 -6.73 33.14
CA VAL B 32 15.26 -7.00 34.53
C VAL B 32 13.74 -6.94 34.69
N ALA B 33 13.05 -6.26 33.76
CA ALA B 33 11.60 -6.28 33.81
C ALA B 33 11.05 -7.63 33.38
N LEU B 34 11.73 -8.31 32.44
CA LEU B 34 11.17 -9.52 31.85
C LEU B 34 11.64 -10.79 32.55
N ILE B 35 12.87 -10.81 33.06
CA ILE B 35 13.32 -11.96 33.84
C ILE B 35 12.39 -12.17 35.02
N LEU B 36 12.12 -11.10 35.76
CA LEU B 36 11.17 -11.18 36.87
C LEU B 36 9.79 -11.60 36.39
N ASN B 37 9.45 -11.34 35.13
CA ASN B 37 8.20 -11.87 34.59
C ASN B 37 8.27 -13.40 34.55
N ALA B 38 9.31 -13.95 33.93
CA ALA B 38 9.43 -15.41 33.87
C ALA B 38 9.52 -16.00 35.26
N ALA B 39 10.36 -15.41 36.11
CA ALA B 39 10.49 -15.88 37.48
C ALA B 39 9.20 -15.74 38.27
N SER B 40 8.25 -14.94 37.82
CA SER B 40 6.93 -14.97 38.45
C SER B 40 6.22 -16.26 38.09
N ASP B 41 6.09 -16.54 36.78
CA ASP B 41 5.30 -17.68 36.33
C ASP B 41 5.85 -18.98 36.91
N THR B 42 7.17 -19.15 36.86
CA THR B 42 7.80 -20.29 37.49
C THR B 42 7.39 -20.41 38.95
N PHE B 43 7.56 -19.33 39.71
CA PHE B 43 7.16 -19.36 41.11
C PHE B 43 5.67 -19.61 41.23
N MET B 44 4.89 -19.07 40.28
CA MET B 44 3.41 -19.26 40.28
C MET B 44 3.08 -20.74 40.07
N LEU B 45 3.84 -21.44 39.22
CA LEU B 45 3.61 -22.87 39.07
C LEU B 45 4.13 -23.63 40.28
N SER B 46 5.16 -23.10 40.94
CA SER B 46 5.67 -23.78 42.13
C SER B 46 4.62 -23.78 43.24
N LEU B 47 3.71 -22.81 43.19
CA LEU B 47 2.61 -22.76 44.15
C LEU B 47 1.81 -24.05 44.14
N LEU B 48 1.75 -24.75 43.01
CA LEU B 48 0.93 -25.95 42.95
C LEU B 48 1.48 -27.06 43.83
N LYS B 49 2.79 -27.07 44.10
CA LYS B 49 3.34 -28.16 44.90
C LYS B 49 2.79 -28.14 46.33
N PRO B 50 2.85 -27.03 47.07
CA PRO B 50 2.20 -27.02 48.40
C PRO B 50 0.72 -27.35 48.34
N LEU B 51 -0.01 -26.69 47.44
CA LEU B 51 -1.46 -26.68 47.49
C LEU B 51 -2.05 -28.08 47.43
N LEU B 52 -1.52 -28.94 46.55
CA LEU B 52 -2.06 -30.28 46.44
C LEU B 52 -1.46 -31.21 47.49
N ASP B 53 -0.23 -30.95 47.94
CA ASP B 53 0.41 -31.84 48.92
C ASP B 53 0.18 -31.34 50.34
N ASP B 54 0.68 -30.15 50.65
CA ASP B 54 0.52 -29.63 52.00
C ASP B 54 -0.89 -29.12 52.24
N GLY B 55 -1.53 -28.57 51.20
CA GLY B 55 -2.86 -28.01 51.39
C GLY B 55 -3.95 -29.06 51.31
N PHE B 56 -3.93 -29.88 50.26
CA PHE B 56 -5.02 -30.81 49.96
C PHE B 56 -4.65 -32.27 50.14
N GLY B 57 -3.41 -32.66 49.83
CA GLY B 57 -2.98 -34.01 50.13
C GLY B 57 -2.93 -34.26 51.61
N LYS B 58 -2.42 -33.29 52.37
CA LYS B 58 -2.51 -33.26 53.82
C LYS B 58 -3.50 -32.17 54.20
N THR B 59 -4.47 -32.51 55.06
CA THR B 59 -5.46 -31.53 55.46
C THR B 59 -4.81 -30.42 56.27
N ASP B 60 -4.75 -29.23 55.69
CA ASP B 60 -4.16 -28.08 56.35
C ASP B 60 -4.76 -26.81 55.75
N ARG B 61 -4.84 -25.77 56.58
CA ARG B 61 -5.46 -24.50 56.18
C ARG B 61 -4.53 -23.31 56.29
N SER B 62 -3.40 -23.41 56.99
CA SER B 62 -2.38 -22.37 56.90
C SER B 62 -1.91 -22.22 55.47
N VAL B 63 -1.61 -23.36 54.82
CA VAL B 63 -1.21 -23.36 53.43
C VAL B 63 -2.27 -22.69 52.57
N LEU B 64 -3.52 -23.12 52.73
CA LEU B 64 -4.59 -22.68 51.85
C LEU B 64 -5.05 -21.26 52.20
N VAL B 65 -4.71 -20.74 53.37
CA VAL B 65 -5.06 -19.34 53.68
C VAL B 65 -3.97 -18.38 53.23
N TRP B 66 -2.68 -18.79 53.24
CA TRP B 66 -1.68 -17.91 52.65
C TRP B 66 -1.56 -18.08 51.13
N MET B 67 -2.22 -19.09 50.55
CA MET B 67 -2.13 -19.32 49.11
C MET B 67 -2.75 -18.18 48.28
N PRO B 68 -3.99 -17.73 48.58
CA PRO B 68 -4.60 -16.70 47.74
C PRO B 68 -3.80 -15.42 47.64
N LEU B 69 -3.24 -14.96 48.75
CA LEU B 69 -2.50 -13.71 48.72
C LEU B 69 -1.23 -13.83 47.90
N VAL B 70 -0.55 -14.98 47.93
CA VAL B 70 0.64 -15.13 47.08
C VAL B 70 0.29 -15.26 45.60
N VAL B 71 -0.80 -15.95 45.24
CA VAL B 71 -1.19 -15.99 43.83
C VAL B 71 -1.62 -14.63 43.32
N ILE B 72 -2.24 -13.81 44.17
CA ILE B 72 -2.52 -12.42 43.81
C ILE B 72 -1.23 -11.62 43.68
N GLY B 73 -0.32 -11.75 44.65
CA GLY B 73 0.90 -10.96 44.61
C GLY B 73 1.81 -11.32 43.47
N LEU B 74 1.89 -12.62 43.15
CA LEU B 74 2.73 -13.04 42.05
C LEU B 74 2.19 -12.52 40.72
N MET B 75 0.86 -12.46 40.58
CA MET B 75 0.30 -11.92 39.34
C MET B 75 0.35 -10.40 39.33
N ILE B 76 0.37 -9.76 40.51
CA ILE B 76 0.69 -8.33 40.54
C ILE B 76 2.09 -8.10 40.02
N LEU B 77 3.04 -8.93 40.46
CA LEU B 77 4.40 -8.84 39.94
C LEU B 77 4.41 -9.09 38.43
N ARG B 78 3.63 -10.08 37.98
CA ARG B 78 3.53 -10.36 36.55
C ARG B 78 3.01 -9.17 35.77
N GLY B 79 1.92 -8.55 36.22
CA GLY B 79 1.34 -7.43 35.52
C GLY B 79 2.22 -6.21 35.50
N ILE B 80 2.82 -5.87 36.65
CA ILE B 80 3.71 -4.72 36.70
C ILE B 80 4.93 -4.96 35.82
N THR B 81 5.48 -6.18 35.85
CA THR B 81 6.61 -6.49 34.99
C THR B 81 6.22 -6.41 33.53
N SER B 82 5.04 -6.91 33.17
CA SER B 82 4.61 -6.85 31.78
C SER B 82 4.48 -5.40 31.31
N TYR B 83 3.87 -4.54 32.14
CA TYR B 83 3.71 -3.15 31.75
C TYR B 83 5.05 -2.43 31.68
N VAL B 84 5.93 -2.68 32.66
CA VAL B 84 7.23 -2.02 32.66
C VAL B 84 8.05 -2.48 31.46
N SER B 85 7.97 -3.77 31.12
CA SER B 85 8.66 -4.28 29.95
C SER B 85 8.12 -3.65 28.68
N SER B 86 6.79 -3.57 28.55
CA SER B 86 6.20 -2.98 27.36
C SER B 86 6.49 -1.50 27.23
N TYR B 87 6.69 -0.80 28.35
CA TYR B 87 7.04 0.61 28.28
C TYR B 87 8.52 0.80 27.98
N CYS B 88 9.41 0.10 28.68
CA CYS B 88 10.85 0.31 28.51
C CYS B 88 11.42 -0.43 27.31
N ILE B 89 10.62 -1.27 26.64
CA ILE B 89 11.02 -1.79 25.34
C ILE B 89 10.57 -0.86 24.23
N SER B 90 9.45 -0.16 24.43
CA SER B 90 9.00 0.84 23.47
C SER B 90 9.78 2.14 23.58
N TRP B 91 10.29 2.46 24.77
CA TRP B 91 11.15 3.63 24.94
C TRP B 91 12.48 3.48 24.24
N VAL B 92 12.89 2.26 23.89
CA VAL B 92 14.07 2.03 23.08
C VAL B 92 13.70 1.71 21.63
N SER B 93 12.63 0.96 21.39
CA SER B 93 12.10 0.80 20.05
C SER B 93 11.41 2.07 19.57
N GLY B 94 11.15 3.03 20.45
CA GLY B 94 10.69 4.34 20.05
C GLY B 94 11.85 5.26 19.74
N LYS B 95 12.83 5.32 20.64
CA LYS B 95 13.97 6.21 20.48
C LYS B 95 15.06 5.62 19.59
N VAL B 96 14.84 4.44 19.01
CA VAL B 96 15.70 3.93 17.93
C VAL B 96 14.98 3.90 16.59
N VAL B 97 13.66 3.70 16.56
CA VAL B 97 12.94 3.87 15.31
C VAL B 97 12.86 5.35 14.94
N MET B 98 12.68 6.21 15.93
CA MET B 98 12.64 7.64 15.67
C MET B 98 13.99 8.18 15.27
N THR B 99 15.07 7.70 15.89
CA THR B 99 16.40 8.11 15.45
C THR B 99 16.70 7.61 14.05
N MET B 100 16.27 6.39 13.71
CA MET B 100 16.47 5.90 12.36
C MET B 100 15.69 6.73 11.35
N ARG B 101 14.45 7.09 11.68
CA ARG B 101 13.66 7.94 10.79
C ARG B 101 14.34 9.28 10.59
N ARG B 102 14.82 9.89 11.68
CA ARG B 102 15.51 11.16 11.58
C ARG B 102 16.76 11.04 10.73
N ARG B 103 17.55 9.99 10.93
CA ARG B 103 18.81 9.89 10.20
C ARG B 103 18.57 9.65 8.72
N LEU B 104 17.61 8.79 8.36
CA LEU B 104 17.29 8.64 6.95
C LEU B 104 16.79 9.95 6.37
N PHE B 105 15.82 10.58 7.01
CA PHE B 105 15.27 11.84 6.53
C PHE B 105 16.30 12.95 6.43
N GLY B 106 17.38 12.88 7.21
CA GLY B 106 18.47 13.82 7.05
C GLY B 106 19.41 13.41 5.94
N HIS B 107 19.44 12.12 5.64
CA HIS B 107 20.26 11.59 4.55
C HIS B 107 19.51 11.47 3.23
N MET B 108 18.20 11.27 3.27
CA MET B 108 17.45 11.00 2.05
C MET B 108 17.23 12.28 1.27
N MET B 109 17.10 13.41 1.97
CA MET B 109 16.94 14.74 1.37
C MET B 109 18.25 15.46 1.10
N GLY B 110 19.38 14.84 1.42
CA GLY B 110 20.68 15.34 0.98
C GLY B 110 21.11 14.62 -0.28
N MET B 111 20.81 13.33 -0.33
CA MET B 111 21.10 12.46 -1.47
C MET B 111 20.35 13.00 -2.68
N PRO B 112 20.97 13.09 -3.85
CA PRO B 112 20.42 13.93 -4.92
C PRO B 112 19.24 13.27 -5.61
N VAL B 113 18.59 14.05 -6.48
CA VAL B 113 17.35 13.64 -7.11
C VAL B 113 17.52 12.43 -8.03
N SER B 114 18.74 12.11 -8.45
CA SER B 114 18.97 10.93 -9.28
C SER B 114 18.46 9.68 -8.58
N PHE B 115 18.73 9.54 -7.28
CA PHE B 115 18.17 8.44 -6.51
C PHE B 115 16.65 8.49 -6.50
N PHE B 116 16.08 9.69 -6.39
CA PHE B 116 14.63 9.82 -6.34
C PHE B 116 13.97 9.38 -7.65
N ASP B 117 14.67 9.55 -8.77
CA ASP B 117 14.17 8.94 -10.00
C ASP B 117 14.41 7.43 -9.99
N LYS B 118 15.50 7.00 -9.37
CA LYS B 118 15.80 5.57 -9.33
C LYS B 118 14.78 4.82 -8.48
N GLN B 119 14.52 5.28 -7.26
CA GLN B 119 13.80 4.50 -6.26
C GLN B 119 12.35 4.99 -6.14
N SER B 120 11.73 5.37 -7.26
CA SER B 120 10.32 5.70 -7.29
C SER B 120 10.00 6.88 -6.38
N THR B 121 8.75 6.99 -5.92
CA THR B 121 8.34 7.99 -4.93
C THR B 121 7.66 7.37 -3.72
N GLY B 122 7.12 6.15 -3.84
CA GLY B 122 6.36 5.54 -2.76
C GLY B 122 7.19 4.60 -1.90
N THR B 123 8.15 3.90 -2.49
CA THR B 123 9.03 3.04 -1.71
C THR B 123 9.86 3.85 -0.71
N LEU B 124 10.13 5.12 -1.02
CA LEU B 124 10.79 5.99 -0.05
C LEU B 124 9.93 6.16 1.20
N LEU B 125 8.64 6.41 1.01
CA LEU B 125 7.73 6.55 2.15
C LEU B 125 7.65 5.26 2.95
N SER B 126 7.60 4.12 2.27
CA SER B 126 7.60 2.85 2.98
C SER B 126 8.87 2.68 3.78
N ARG B 127 10.02 3.03 3.19
CA ARG B 127 11.30 2.90 3.88
C ARG B 127 11.34 3.76 5.13
N ILE B 128 10.74 4.96 5.07
CA ILE B 128 10.72 5.81 6.25
C ILE B 128 9.78 5.24 7.31
N THR B 129 8.53 4.96 6.93
CA THR B 129 7.50 4.61 7.92
C THR B 129 7.51 3.14 8.29
N TYR B 130 7.20 2.26 7.34
CA TYR B 130 6.85 0.89 7.70
C TYR B 130 8.09 0.02 7.83
N ASP B 131 8.97 0.06 6.82
CA ASP B 131 10.18 -0.75 6.85
C ASP B 131 11.05 -0.41 8.05
N SER B 132 11.05 0.85 8.48
CA SER B 132 11.69 1.23 9.72
C SER B 132 10.86 0.87 10.95
N GLU B 133 9.54 0.86 10.85
CA GLU B 133 8.73 0.44 12.00
C GLU B 133 9.03 -1.01 12.37
N GLN B 134 9.38 -1.83 11.38
CA GLN B 134 9.66 -3.24 11.58
C GLN B 134 11.15 -3.55 11.74
N VAL B 135 12.01 -2.53 11.86
CA VAL B 135 13.39 -2.77 12.23
C VAL B 135 13.56 -2.77 13.74
N ALA B 136 12.58 -2.27 14.50
CA ALA B 136 12.58 -2.32 15.95
C ALA B 136 11.36 -3.03 16.51
N SER B 137 10.26 -3.11 15.76
CA SER B 137 9.13 -3.92 16.19
C SER B 137 9.39 -5.41 16.05
N SER B 138 10.41 -5.80 15.30
CA SER B 138 10.83 -7.18 15.18
C SER B 138 12.22 -7.45 15.73
N SER B 139 13.08 -6.43 15.82
CA SER B 139 14.34 -6.59 16.52
C SER B 139 14.14 -6.59 18.03
N SER B 140 13.29 -5.70 18.54
CA SER B 140 12.83 -5.80 19.92
C SER B 140 11.83 -6.93 20.11
N GLY B 141 11.29 -7.48 19.03
CA GLY B 141 10.57 -8.73 19.09
C GLY B 141 11.46 -9.94 19.28
N ALA B 142 12.78 -9.76 19.19
CA ALA B 142 13.76 -10.80 19.47
C ALA B 142 14.43 -10.66 20.82
N LEU B 143 14.47 -9.45 21.38
CA LEU B 143 14.92 -9.24 22.76
C LEU B 143 13.74 -9.14 23.72
N ILE B 144 12.59 -9.71 23.34
CA ILE B 144 11.46 -9.85 24.24
C ILE B 144 11.01 -11.29 24.38
N THR B 145 11.37 -12.19 23.45
CA THR B 145 11.16 -13.61 23.62
C THR B 145 12.40 -14.35 24.10
N VAL B 146 13.59 -13.96 23.62
CA VAL B 146 14.83 -14.59 24.10
C VAL B 146 15.02 -14.40 25.58
N VAL B 147 14.50 -13.32 26.16
CA VAL B 147 14.66 -13.07 27.58
C VAL B 147 13.50 -13.70 28.34
N ARG B 148 12.26 -13.30 28.02
CA ARG B 148 11.11 -13.84 28.74
C ARG B 148 11.00 -15.34 28.53
N GLU B 149 10.99 -15.78 27.28
CA GLU B 149 10.78 -17.21 27.02
C GLU B 149 12.02 -18.01 27.35
N GLY B 150 13.21 -17.46 27.04
CA GLY B 150 14.43 -18.13 27.42
C GLY B 150 14.54 -18.28 28.93
N ALA B 151 14.29 -17.20 29.67
CA ALA B 151 14.36 -17.28 31.12
C ALA B 151 13.25 -18.17 31.66
N SER B 152 12.11 -18.22 31.00
CA SER B 152 11.08 -19.17 31.39
C SER B 152 11.58 -20.60 31.28
N ILE B 153 12.24 -20.92 30.16
CA ILE B 153 12.77 -22.28 30.00
C ILE B 153 13.79 -22.58 31.07
N ILE B 154 14.70 -21.63 31.34
CA ILE B 154 15.74 -21.87 32.33
C ILE B 154 15.13 -22.04 33.72
N GLY B 155 14.21 -21.15 34.11
CA GLY B 155 13.61 -21.24 35.42
C GLY B 155 12.79 -22.50 35.59
N LEU B 156 12.07 -22.90 34.55
CA LEU B 156 11.27 -24.11 34.61
C LEU B 156 12.15 -25.34 34.75
N PHE B 157 13.29 -25.36 34.05
CA PHE B 157 14.18 -26.50 34.19
C PHE B 157 14.84 -26.53 35.57
N ILE B 158 15.22 -25.37 36.10
CA ILE B 158 15.80 -25.34 37.44
C ILE B 158 14.78 -25.82 38.47
N MET B 159 13.54 -25.33 38.34
CA MET B 159 12.39 -25.84 39.10
C MET B 159 12.31 -27.35 39.10
N MET B 160 12.17 -27.94 37.91
CA MET B 160 11.91 -29.37 37.84
C MET B 160 13.11 -30.18 38.30
N PHE B 161 14.33 -29.65 38.08
CA PHE B 161 15.50 -30.31 38.63
C PHE B 161 15.47 -30.30 40.15
N TYR B 162 15.05 -29.18 40.74
CA TYR B 162 14.90 -29.15 42.19
C TYR B 162 13.86 -30.14 42.68
N TYR B 163 12.72 -30.21 42.00
CA TYR B 163 11.62 -31.04 42.48
C TYR B 163 11.83 -32.51 42.15
N SER B 164 11.89 -32.84 40.85
CA SER B 164 12.03 -34.21 40.38
C SER B 164 13.32 -34.34 39.59
N TRP B 165 14.31 -34.99 40.19
CA TRP B 165 15.59 -35.18 39.52
C TRP B 165 15.41 -36.01 38.25
N GLN B 166 14.67 -37.10 38.33
CA GLN B 166 14.54 -37.99 37.18
C GLN B 166 13.80 -37.30 36.04
N LEU B 167 12.54 -36.91 36.29
CA LEU B 167 11.73 -36.29 35.24
C LEU B 167 12.45 -35.08 34.64
N SER B 168 13.29 -34.42 35.43
CA SER B 168 14.15 -33.38 34.88
C SER B 168 15.19 -33.96 33.91
N ILE B 169 15.86 -35.08 34.24
CA ILE B 169 16.89 -35.55 33.31
C ILE B 169 16.27 -36.05 32.01
N ILE B 170 15.15 -36.79 32.09
CA ILE B 170 14.46 -37.15 30.84
C ILE B 170 14.00 -35.89 30.11
N LEU B 171 13.60 -34.85 30.83
CA LEU B 171 13.15 -33.65 30.14
C LEU B 171 14.27 -32.99 29.35
N ILE B 172 15.45 -32.84 29.95
CA ILE B 172 16.53 -32.21 29.20
C ILE B 172 16.96 -33.15 28.07
N VAL B 173 16.74 -34.46 28.22
CA VAL B 173 17.03 -35.38 27.13
C VAL B 173 16.11 -35.12 25.94
N LEU B 174 14.78 -35.16 26.14
CA LEU B 174 13.84 -35.09 24.99
C LEU B 174 13.49 -33.66 24.52
N ALA B 175 13.68 -32.64 25.37
CA ALA B 175 13.33 -31.29 24.97
C ALA B 175 14.01 -30.88 23.66
N PRO B 176 15.31 -31.13 23.46
CA PRO B 176 15.89 -30.79 22.16
C PRO B 176 15.25 -31.53 20.99
N ILE B 177 14.72 -32.73 21.20
CA ILE B 177 14.01 -33.41 20.13
C ILE B 177 12.79 -32.60 19.71
N VAL B 178 12.00 -32.13 20.67
CA VAL B 178 10.87 -31.26 20.37
C VAL B 178 11.33 -29.97 19.72
N SER B 179 12.42 -29.37 20.20
CA SER B 179 12.95 -28.13 19.63
C SER B 179 13.30 -28.33 18.16
N ILE B 180 13.94 -29.46 17.85
CA ILE B 180 14.34 -29.79 16.48
C ILE B 180 13.07 -29.95 15.64
N ALA B 181 12.05 -30.57 16.22
CA ALA B 181 10.81 -30.79 15.48
C ALA B 181 10.16 -29.46 15.10
N ILE B 182 10.04 -28.54 16.06
CA ILE B 182 9.48 -27.24 15.76
C ILE B 182 10.34 -26.50 14.73
N ARG B 183 11.66 -26.59 14.87
CA ARG B 183 12.54 -25.88 13.94
C ARG B 183 12.35 -26.39 12.51
N VAL B 184 12.36 -27.71 12.32
CA VAL B 184 12.25 -28.25 10.97
C VAL B 184 10.85 -28.03 10.39
N VAL B 185 9.81 -28.17 11.23
CA VAL B 185 8.46 -27.97 10.71
C VAL B 185 8.24 -26.51 10.33
N SER B 186 8.70 -25.58 11.17
CA SER B 186 8.61 -24.17 10.82
C SER B 186 9.45 -23.84 9.60
N LYS B 187 10.57 -24.54 9.41
CA LYS B 187 11.35 -24.35 8.19
C LYS B 187 10.55 -24.76 6.97
N ARG B 188 9.86 -25.90 7.04
CA ARG B 188 9.03 -26.33 5.92
C ARG B 188 7.93 -25.33 5.64
N PHE B 189 7.26 -24.85 6.70
CA PHE B 189 6.16 -23.91 6.50
C PHE B 189 6.66 -22.58 5.93
N ARG B 190 7.80 -22.09 6.44
CA ARG B 190 8.38 -20.87 5.91
C ARG B 190 8.75 -21.04 4.44
N ASN B 191 9.34 -22.19 4.09
CA ASN B 191 9.72 -22.43 2.70
C ASN B 191 8.49 -22.42 1.79
N ILE B 192 7.42 -23.12 2.20
CA ILE B 192 6.26 -23.20 1.33
C ILE B 192 5.57 -21.84 1.22
N SER B 193 5.54 -21.06 2.31
CA SER B 193 4.92 -19.74 2.24
C SER B 193 5.71 -18.80 1.35
N LYS B 194 7.05 -18.79 1.50
CA LYS B 194 7.87 -17.92 0.67
C LYS B 194 7.80 -18.34 -0.79
N ASN B 195 7.78 -19.64 -1.08
CA ASN B 195 7.63 -20.09 -2.46
C ASN B 195 6.26 -19.72 -3.02
N MET B 196 5.23 -19.75 -2.19
CA MET B 196 3.90 -19.38 -2.67
C MET B 196 3.81 -17.91 -2.99
N GLN B 197 4.41 -17.05 -2.16
CA GLN B 197 4.06 -15.63 -2.19
C GLN B 197 4.38 -14.98 -3.52
N ASN B 198 5.43 -15.46 -4.20
CA ASN B 198 5.75 -14.91 -5.52
C ASN B 198 4.63 -15.16 -6.52
N THR B 199 4.05 -16.37 -6.49
CA THR B 199 2.91 -16.66 -7.35
C THR B 199 1.63 -15.97 -6.87
N MET B 200 1.50 -15.76 -5.56
CA MET B 200 0.36 -15.02 -5.04
C MET B 200 0.34 -13.60 -5.57
N GLY B 201 1.51 -12.97 -5.65
CA GLY B 201 1.56 -11.59 -6.13
C GLY B 201 1.07 -11.42 -7.55
N GLN B 202 1.34 -12.39 -8.42
CA GLN B 202 1.17 -12.15 -9.85
C GLN B 202 -0.27 -12.30 -10.31
N VAL B 203 -1.09 -13.11 -9.64
CA VAL B 203 -2.50 -13.18 -9.99
C VAL B 203 -3.26 -11.93 -9.58
N THR B 204 -2.74 -11.17 -8.61
CA THR B 204 -3.37 -9.90 -8.26
C THR B 204 -3.28 -8.89 -9.40
N THR B 205 -2.37 -9.09 -10.35
CA THR B 205 -2.16 -8.12 -11.41
C THR B 205 -3.20 -8.22 -12.52
N SER B 206 -3.95 -9.32 -12.60
CA SER B 206 -5.02 -9.40 -13.60
C SER B 206 -6.10 -8.37 -13.33
N ALA B 207 -6.52 -8.24 -12.07
CA ALA B 207 -7.48 -7.22 -11.71
C ALA B 207 -6.94 -5.83 -11.99
N GLU B 208 -5.64 -5.61 -11.73
CA GLU B 208 -5.03 -4.33 -12.06
C GLU B 208 -5.13 -4.05 -13.55
N GLN B 209 -4.79 -5.05 -14.38
CA GLN B 209 -4.85 -4.89 -15.82
C GLN B 209 -6.25 -4.51 -16.27
N MET B 210 -7.26 -5.12 -15.67
CA MET B 210 -8.62 -4.91 -16.17
C MET B 210 -9.22 -3.61 -15.64
N LEU B 211 -8.99 -3.27 -14.37
CA LEU B 211 -9.62 -2.06 -13.84
C LEU B 211 -8.85 -0.80 -14.27
N LYS B 212 -7.53 -0.87 -14.37
CA LYS B 212 -6.81 0.17 -15.09
C LYS B 212 -7.26 0.23 -16.54
N GLY B 213 -7.60 -0.91 -17.12
CA GLY B 213 -7.97 -1.00 -18.52
C GLY B 213 -9.46 -1.09 -18.80
N HIS B 214 -10.29 -0.41 -18.02
CA HIS B 214 -11.73 -0.52 -18.25
C HIS B 214 -12.08 0.03 -19.62
N LYS B 215 -11.42 1.12 -20.02
CA LYS B 215 -11.80 1.82 -21.24
C LYS B 215 -11.64 0.94 -22.47
N GLU B 216 -10.41 0.46 -22.71
CA GLU B 216 -10.15 -0.37 -23.88
C GLU B 216 -11.02 -1.62 -23.87
N VAL B 217 -11.31 -2.15 -22.68
CA VAL B 217 -12.18 -3.31 -22.59
C VAL B 217 -13.60 -2.95 -23.00
N LEU B 218 -14.01 -1.70 -22.78
CA LEU B 218 -15.31 -1.26 -23.26
C LEU B 218 -15.31 -1.07 -24.77
N ILE B 219 -14.26 -0.46 -25.33
CA ILE B 219 -14.30 -0.16 -26.77
C ILE B 219 -14.27 -1.44 -27.57
N PHE B 220 -13.32 -2.34 -27.24
CA PHE B 220 -13.32 -3.66 -27.82
C PHE B 220 -14.36 -4.52 -27.10
N GLY B 221 -14.63 -5.68 -27.68
CA GLY B 221 -15.68 -6.53 -27.15
C GLY B 221 -15.29 -7.40 -25.97
N GLY B 222 -14.09 -7.23 -25.42
CA GLY B 222 -13.56 -8.17 -24.44
C GLY B 222 -14.11 -8.04 -23.04
N GLN B 223 -15.43 -7.99 -22.89
CA GLN B 223 -16.02 -8.00 -21.56
C GLN B 223 -16.08 -9.42 -21.00
N GLU B 224 -16.54 -10.39 -21.79
CA GLU B 224 -16.67 -11.76 -21.29
C GLU B 224 -15.32 -12.46 -21.24
N VAL B 225 -14.50 -12.27 -22.26
CA VAL B 225 -13.27 -13.04 -22.44
C VAL B 225 -12.32 -12.73 -21.29
N GLU B 226 -12.41 -11.51 -20.75
CA GLU B 226 -11.65 -11.17 -19.55
C GLU B 226 -12.25 -11.73 -18.28
N THR B 227 -13.57 -11.90 -18.21
CA THR B 227 -14.14 -12.64 -17.09
C THR B 227 -13.63 -14.07 -17.07
N LYS B 228 -13.42 -14.66 -18.24
CA LYS B 228 -12.85 -16.01 -18.29
C LYS B 228 -11.44 -16.02 -17.71
N ARG B 229 -10.60 -15.05 -18.08
CA ARG B 229 -9.26 -14.99 -17.55
C ARG B 229 -9.29 -14.78 -16.05
N PHE B 230 -10.19 -13.92 -15.56
CA PHE B 230 -10.26 -13.69 -14.12
C PHE B 230 -10.75 -14.93 -13.39
N ASP B 231 -11.68 -15.68 -14.00
CA ASP B 231 -12.10 -16.94 -13.38
C ASP B 231 -10.92 -17.89 -13.27
N LYS B 232 -10.09 -17.98 -14.31
CA LYS B 232 -8.96 -18.89 -14.25
C LYS B 232 -7.96 -18.46 -13.18
N VAL B 233 -7.58 -17.18 -13.15
CA VAL B 233 -6.58 -16.77 -12.15
C VAL B 233 -7.19 -16.84 -10.75
N SER B 234 -8.49 -16.57 -10.61
CA SER B 234 -9.11 -16.64 -9.30
C SER B 234 -9.17 -18.08 -8.79
N ASN B 235 -9.42 -19.04 -9.68
CA ASN B 235 -9.38 -20.43 -9.28
C ASN B 235 -7.96 -20.85 -8.92
N ARG B 236 -6.97 -20.42 -9.70
CA ARG B 236 -5.59 -20.73 -9.36
C ARG B 236 -5.13 -20.04 -8.09
N MET B 237 -5.81 -18.97 -7.68
CA MET B 237 -5.56 -18.32 -6.40
C MET B 237 -6.27 -19.01 -5.24
N ARG B 238 -7.51 -19.44 -5.44
CA ARG B 238 -8.18 -20.25 -4.43
C ARG B 238 -7.37 -21.50 -4.13
N LEU B 239 -6.93 -22.20 -5.18
CA LEU B 239 -6.18 -23.44 -4.96
C LEU B 239 -4.83 -23.16 -4.31
N GLN B 240 -4.17 -22.06 -4.71
CA GLN B 240 -2.89 -21.72 -4.09
C GLN B 240 -3.07 -21.38 -2.62
N GLY B 241 -4.11 -20.60 -2.29
CA GLY B 241 -4.36 -20.28 -0.90
C GLY B 241 -4.72 -21.50 -0.08
N MET B 242 -5.44 -22.45 -0.67
CA MET B 242 -5.72 -23.70 0.02
C MET B 242 -4.44 -24.49 0.24
N LYS B 243 -3.54 -24.51 -0.75
CA LYS B 243 -2.26 -25.17 -0.55
C LYS B 243 -1.50 -24.52 0.61
N MET B 244 -1.50 -23.19 0.66
CA MET B 244 -0.81 -22.50 1.74
C MET B 244 -1.41 -22.84 3.09
N VAL B 245 -2.75 -22.71 3.22
CA VAL B 245 -3.35 -22.89 4.53
C VAL B 245 -3.24 -24.34 4.96
N SER B 246 -3.31 -25.31 4.04
CA SER B 246 -3.07 -26.68 4.42
C SER B 246 -1.65 -26.88 4.92
N ALA B 247 -0.65 -26.44 4.14
CA ALA B 247 0.74 -26.69 4.49
C ALA B 247 1.16 -25.90 5.73
N SER B 248 0.42 -24.83 6.06
CA SER B 248 0.75 -24.04 7.23
C SER B 248 0.02 -24.55 8.46
N SER B 249 -1.28 -24.85 8.32
CA SER B 249 -2.04 -25.36 9.44
C SER B 249 -1.61 -26.77 9.83
N ILE B 250 -0.92 -27.49 8.93
CA ILE B 250 -0.37 -28.78 9.33
C ILE B 250 0.83 -28.62 10.26
N SER B 251 1.39 -27.42 10.38
CA SER B 251 2.54 -27.23 11.26
C SER B 251 2.16 -27.45 12.72
N ASP B 252 0.93 -27.10 13.11
CA ASP B 252 0.56 -27.16 14.52
C ASP B 252 0.20 -28.57 14.96
N PRO B 253 -0.59 -29.36 14.23
CA PRO B 253 -0.85 -30.74 14.65
C PRO B 253 0.40 -31.61 14.78
N ILE B 254 1.34 -31.48 13.85
CA ILE B 254 2.55 -32.31 13.95
C ILE B 254 3.37 -31.88 15.16
N ILE B 255 3.42 -30.57 15.43
CA ILE B 255 4.14 -30.06 16.57
C ILE B 255 3.51 -30.57 17.86
N GLN B 256 2.18 -30.50 17.93
CA GLN B 256 1.48 -30.98 19.12
C GLN B 256 1.66 -32.48 19.29
N LEU B 257 1.69 -33.22 18.19
CA LEU B 257 1.85 -34.67 18.28
C LEU B 257 3.24 -35.05 18.77
N ILE B 258 4.28 -34.40 18.22
CA ILE B 258 5.64 -34.73 18.67
C ILE B 258 5.84 -34.28 20.11
N ALA B 259 5.10 -33.28 20.49
CA ALA B 259 5.22 -32.90 21.88
C ALA B 259 4.60 -34.01 22.67
N SER B 260 3.40 -34.33 22.31
CA SER B 260 2.63 -35.31 23.09
C SER B 260 3.39 -36.62 23.20
N LEU B 261 4.22 -36.93 22.21
CA LEU B 261 5.09 -38.10 22.36
C LEU B 261 6.01 -37.94 23.55
N ALA B 262 6.55 -36.74 23.76
CA ALA B 262 7.35 -36.49 24.95
C ALA B 262 6.49 -36.57 26.21
N LEU B 263 5.26 -36.09 26.13
CA LEU B 263 4.40 -36.05 27.37
C LEU B 263 4.00 -37.48 27.70
N ALA B 264 4.01 -38.32 26.72
CA ALA B 264 3.66 -39.72 26.95
C ALA B 264 4.86 -40.53 27.41
N PHE B 265 6.04 -40.24 26.84
CA PHE B 265 7.25 -40.97 27.20
C PHE B 265 7.51 -40.67 28.67
N VAL B 266 7.34 -39.41 29.09
CA VAL B 266 7.59 -39.06 30.49
C VAL B 266 6.61 -39.80 31.39
N LEU B 267 5.35 -39.89 30.97
CA LEU B 267 4.34 -40.49 31.83
C LEU B 267 4.53 -41.99 31.95
N TYR B 268 4.99 -42.64 30.88
CA TYR B 268 5.34 -44.06 30.97
C TYR B 268 6.60 -44.26 31.80
N ALA B 269 7.55 -43.33 31.69
CA ALA B 269 8.76 -43.36 32.49
C ALA B 269 8.44 -43.21 33.97
N ALA B 270 7.31 -42.56 34.27
CA ALA B 270 6.90 -42.40 35.65
C ALA B 270 6.60 -43.74 36.33
N SER B 271 6.43 -44.81 35.54
CA SER B 271 6.27 -46.15 36.08
C SER B 271 7.21 -47.17 35.46
N PHE B 272 8.13 -46.76 34.58
CA PHE B 272 9.09 -47.73 34.03
C PHE B 272 9.90 -48.38 35.15
N PRO B 273 10.44 -47.65 36.14
CA PRO B 273 10.90 -48.31 37.37
C PRO B 273 9.82 -48.23 38.45
N SER B 274 10.00 -48.96 39.54
CA SER B 274 9.17 -48.80 40.72
C SER B 274 9.59 -47.63 41.59
N VAL B 275 10.76 -47.04 41.32
CA VAL B 275 11.23 -45.91 42.12
C VAL B 275 10.35 -44.69 41.86
N MET B 276 10.12 -44.36 40.58
CA MET B 276 9.41 -43.09 40.23
C MET B 276 8.07 -42.94 40.96
N ASP B 277 7.60 -43.96 41.67
CA ASP B 277 6.34 -43.86 42.46
C ASP B 277 6.50 -42.84 43.60
N SER B 278 7.71 -42.65 44.12
CA SER B 278 7.93 -41.78 45.31
C SER B 278 7.49 -40.31 45.08
N LEU B 279 7.79 -39.73 43.91
CA LEU B 279 7.38 -38.34 43.61
C LEU B 279 5.92 -38.15 44.06
N THR B 280 5.62 -37.13 44.87
CA THR B 280 4.26 -37.05 45.37
C THR B 280 3.34 -36.46 44.30
N ALA B 281 2.06 -36.27 44.67
CA ALA B 281 1.10 -35.70 43.74
C ALA B 281 1.50 -34.30 43.33
N GLY B 282 1.93 -33.48 44.29
CA GLY B 282 2.36 -32.13 43.98
C GLY B 282 3.51 -32.10 42.99
N THR B 283 4.46 -33.02 43.17
CA THR B 283 5.61 -33.06 42.26
C THR B 283 5.18 -33.35 40.83
N ILE B 284 4.30 -34.34 40.65
CA ILE B 284 3.93 -34.74 39.30
C ILE B 284 3.10 -33.63 38.65
N THR B 285 2.19 -33.00 39.40
CA THR B 285 1.39 -31.94 38.78
C THR B 285 2.27 -30.75 38.42
N VAL B 286 3.24 -30.41 39.25
CA VAL B 286 4.13 -29.30 38.93
C VAL B 286 4.96 -29.63 37.70
N VAL B 287 5.45 -30.87 37.60
CA VAL B 287 6.25 -31.25 36.43
C VAL B 287 5.41 -31.16 35.16
N PHE B 288 4.22 -31.76 35.20
CA PHE B 288 3.39 -31.80 33.97
C PHE B 288 2.87 -30.40 33.64
N SER B 289 2.42 -29.64 34.64
CA SER B 289 1.98 -28.25 34.40
C SER B 289 3.14 -27.49 33.74
N SER B 290 4.35 -27.70 34.24
CA SER B 290 5.54 -27.02 33.67
C SER B 290 5.80 -27.48 32.22
N MET B 291 5.59 -28.76 31.92
CA MET B 291 5.73 -29.24 30.51
C MET B 291 4.63 -28.61 29.67
N ILE B 292 3.38 -28.62 30.15
CA ILE B 292 2.27 -27.94 29.44
C ILE B 292 2.70 -26.52 29.07
N ALA B 293 3.57 -25.90 29.87
CA ALA B 293 4.04 -24.54 29.54
C ALA B 293 5.45 -24.49 29.01
N LEU B 294 6.18 -25.56 29.01
CA LEU B 294 7.52 -25.34 28.45
C LEU B 294 7.27 -25.06 27.00
N MET B 295 6.29 -25.70 26.39
CA MET B 295 6.09 -25.56 24.93
C MET B 295 6.02 -24.12 24.44
N ARG B 296 5.13 -23.27 24.96
CA ARG B 296 5.00 -21.92 24.34
C ARG B 296 6.37 -21.31 24.32
N PRO B 297 7.17 -21.36 25.38
CA PRO B 297 8.52 -20.95 25.27
C PRO B 297 9.41 -21.77 24.32
N LEU B 298 9.35 -23.11 24.25
CA LEU B 298 10.30 -23.88 23.42
C LEU B 298 9.95 -23.68 21.98
N LYS B 299 8.82 -23.09 21.71
CA LYS B 299 8.56 -22.77 20.30
C LYS B 299 9.15 -21.39 20.08
N SER B 300 8.64 -20.40 20.73
CA SER B 300 9.02 -19.01 20.47
C SER B 300 10.54 -18.84 20.43
N LEU B 301 11.26 -19.51 21.33
CA LEU B 301 12.70 -19.36 21.39
C LEU B 301 13.41 -19.95 20.18
N THR B 302 12.78 -20.92 19.50
CA THR B 302 13.31 -21.44 18.24
C THR B 302 12.87 -20.63 17.03
N ASN B 303 11.68 -20.03 17.08
CA ASN B 303 11.22 -19.16 16.02
C ASN B 303 11.90 -17.79 16.04
N VAL B 304 12.52 -17.42 17.16
CA VAL B 304 13.01 -16.05 17.34
C VAL B 304 14.06 -15.69 16.31
N ASN B 305 14.85 -16.65 15.85
CA ASN B 305 15.90 -16.32 14.89
C ASN B 305 15.31 -15.85 13.58
N ALA B 306 14.20 -16.44 13.15
CA ALA B 306 13.53 -15.95 11.94
C ALA B 306 13.08 -14.52 12.11
N GLN B 307 12.52 -14.17 13.28
CA GLN B 307 12.12 -12.79 13.53
C GLN B 307 13.32 -11.86 13.52
N PHE B 308 14.43 -12.29 14.12
CA PHE B 308 15.60 -11.42 14.21
C PHE B 308 16.27 -11.21 12.86
N GLN B 309 16.17 -12.19 11.95
CA GLN B 309 16.67 -12.01 10.60
C GLN B 309 15.70 -11.24 9.71
N ARG B 310 14.39 -11.40 9.92
CA ARG B 310 13.42 -10.62 9.16
C ARG B 310 13.42 -9.16 9.58
N GLY B 311 13.71 -8.88 10.85
CA GLY B 311 13.85 -7.52 11.32
C GLY B 311 15.27 -7.01 11.18
N MET B 312 16.09 -7.69 10.38
CA MET B 312 17.42 -7.19 10.01
C MET B 312 17.64 -7.14 8.51
N ALA B 313 16.89 -7.90 7.72
CA ALA B 313 16.83 -7.59 6.29
C ALA B 313 16.29 -6.18 6.10
N ALA B 314 15.30 -5.79 6.90
CA ALA B 314 14.81 -4.42 6.90
C ALA B 314 15.93 -3.44 7.27
N CYS B 315 16.71 -3.78 8.29
CA CYS B 315 17.81 -2.91 8.69
C CYS B 315 18.84 -2.77 7.57
N GLN B 316 19.12 -3.86 6.86
CA GLN B 316 20.06 -3.80 5.75
C GLN B 316 19.52 -2.94 4.62
N THR B 317 18.21 -3.01 4.36
CA THR B 317 17.62 -2.12 3.36
C THR B 317 17.80 -0.65 3.75
N LEU B 318 17.47 -0.33 5.01
CA LEU B 318 17.58 1.06 5.45
C LEU B 318 19.03 1.52 5.44
N PHE B 319 19.96 0.65 5.81
CA PHE B 319 21.38 1.01 5.77
C PHE B 319 21.90 1.09 4.34
N THR B 320 21.29 0.39 3.38
CA THR B 320 21.67 0.60 1.99
C THR B 320 21.20 1.97 1.50
N ILE B 321 20.00 2.39 1.93
CA ILE B 321 19.56 3.76 1.61
C ILE B 321 20.52 4.77 2.23
N LEU B 322 20.91 4.54 3.49
CA LEU B 322 21.78 5.49 4.18
C LEU B 322 23.17 5.53 3.56
N ASP B 323 23.74 4.36 3.26
CA ASP B 323 25.17 4.28 2.96
C ASP B 323 25.51 4.81 1.58
N SER B 324 24.58 4.71 0.63
CA SER B 324 24.86 5.14 -0.73
C SER B 324 25.19 6.63 -0.75
N GLU B 325 26.19 6.98 -1.56
CA GLU B 325 26.75 8.33 -1.53
C GLU B 325 25.70 9.37 -1.88
N GLN B 326 25.67 10.45 -1.10
CA GLN B 326 24.68 11.49 -1.25
C GLN B 326 25.15 12.48 -2.33
N GLU B 327 24.50 13.63 -2.40
CA GLU B 327 24.81 14.66 -3.38
C GLU B 327 26.26 15.08 -3.27
N LYS B 328 27.06 14.80 -4.29
CA LYS B 328 28.48 15.10 -4.26
C LYS B 328 28.69 16.61 -4.20
N ASP B 329 29.31 17.07 -3.11
CA ASP B 329 29.54 18.49 -2.86
C ASP B 329 31.04 18.72 -2.70
N GLU B 330 31.60 19.52 -3.60
CA GLU B 330 32.99 19.97 -3.52
C GLU B 330 33.07 21.46 -3.82
N GLY B 331 32.03 22.20 -3.45
CA GLY B 331 31.99 23.62 -3.75
C GLY B 331 33.07 24.40 -3.03
N LYS B 332 33.63 25.36 -3.76
CA LYS B 332 34.69 26.22 -3.24
C LYS B 332 34.24 27.68 -3.25
N ARG B 333 33.66 28.13 -4.38
CA ARG B 333 33.20 29.51 -4.47
C ARG B 333 31.86 29.68 -3.77
N VAL B 334 31.57 30.93 -3.38
CA VAL B 334 30.31 31.31 -2.76
C VAL B 334 29.87 32.61 -3.42
N ILE B 335 28.56 32.87 -3.37
CA ILE B 335 27.99 34.05 -4.02
C ILE B 335 26.78 34.50 -3.23
N GLU B 336 26.58 35.82 -3.20
CA GLU B 336 25.35 36.42 -2.67
C GLU B 336 24.32 36.62 -3.78
N ARG B 337 24.72 37.29 -4.86
CA ARG B 337 23.83 37.53 -5.99
C ARG B 337 24.71 37.75 -7.22
N ALA B 338 24.87 36.72 -8.04
CA ALA B 338 25.71 36.81 -9.21
C ALA B 338 25.12 37.74 -10.25
N THR B 339 26.01 38.41 -10.99
CA THR B 339 25.66 39.13 -12.20
C THR B 339 26.03 38.37 -13.46
N GLY B 340 26.50 37.14 -13.34
CA GLY B 340 27.09 36.46 -14.47
C GLY B 340 26.04 35.90 -15.43
N ASP B 341 26.46 35.71 -16.67
CA ASP B 341 25.65 35.05 -17.69
C ASP B 341 26.02 33.57 -17.73
N VAL B 342 25.00 32.71 -17.76
CA VAL B 342 25.25 31.28 -17.77
C VAL B 342 25.80 30.90 -19.15
N GLU B 343 26.91 30.16 -19.16
CA GLU B 343 27.55 29.72 -20.40
C GLU B 343 27.78 28.22 -20.34
N PHE B 344 27.52 27.57 -21.47
CA PHE B 344 27.66 26.12 -21.62
C PHE B 344 28.72 25.85 -22.66
N ARG B 345 29.65 24.94 -22.34
CA ARG B 345 30.82 24.65 -23.19
C ARG B 345 30.65 23.23 -23.72
N ASN B 346 29.92 23.11 -24.84
CA ASN B 346 29.63 21.85 -25.53
C ASN B 346 29.30 20.71 -24.56
N VAL B 347 28.53 21.00 -23.52
CA VAL B 347 28.37 20.05 -22.43
C VAL B 347 27.45 18.91 -22.86
N THR B 348 27.78 17.70 -22.39
CA THR B 348 27.00 16.50 -22.65
C THR B 348 26.46 15.96 -21.33
N PHE B 349 25.31 15.31 -21.42
CA PHE B 349 24.68 14.73 -20.23
C PHE B 349 23.52 13.84 -20.68
N THR B 350 23.33 12.74 -19.95
CA THR B 350 22.17 11.87 -20.13
C THR B 350 21.51 11.63 -18.78
N TYR B 351 20.19 11.44 -18.82
CA TYR B 351 19.48 11.05 -17.61
C TYR B 351 20.02 9.70 -17.15
N PRO B 352 20.01 9.41 -15.85
CA PRO B 352 20.56 8.13 -15.39
C PRO B 352 19.77 6.95 -15.93
N GLY B 353 20.50 5.90 -16.32
CA GLY B 353 19.89 4.74 -16.92
C GLY B 353 19.62 4.85 -18.41
N ARG B 354 19.95 5.98 -19.04
CA ARG B 354 19.74 6.20 -20.46
C ARG B 354 21.10 6.35 -21.14
N ASP B 355 21.35 5.53 -22.15
CA ASP B 355 22.63 5.57 -22.85
C ASP B 355 22.74 6.75 -23.81
N VAL B 356 21.62 7.17 -24.40
CA VAL B 356 21.65 8.27 -25.37
C VAL B 356 22.04 9.56 -24.66
N PRO B 357 22.95 10.39 -25.19
CA PRO B 357 23.16 11.71 -24.58
C PRO B 357 21.94 12.59 -24.71
N ALA B 358 21.27 12.85 -23.58
CA ALA B 358 20.14 13.78 -23.59
C ALA B 358 20.58 15.17 -23.99
N LEU B 359 21.83 15.53 -23.68
CA LEU B 359 22.47 16.74 -24.18
C LEU B 359 23.65 16.32 -25.03
N ARG B 360 23.67 16.77 -26.28
CA ARG B 360 24.84 16.67 -27.15
C ARG B 360 25.67 17.93 -26.96
N ASN B 361 26.62 18.17 -27.86
CA ASN B 361 27.45 19.37 -27.77
C ASN B 361 26.57 20.62 -27.91
N ILE B 362 26.41 21.36 -26.81
CA ILE B 362 25.51 22.51 -26.73
C ILE B 362 26.28 23.71 -26.19
N ASN B 363 26.05 24.87 -26.80
CA ASN B 363 26.59 26.14 -26.33
C ASN B 363 25.44 27.14 -26.23
N LEU B 364 25.29 27.74 -25.05
CA LEU B 364 24.19 28.67 -24.77
C LEU B 364 24.72 29.83 -23.94
N LYS B 365 24.65 31.04 -24.48
CA LYS B 365 25.01 32.25 -23.76
C LYS B 365 23.74 33.05 -23.51
N ILE B 366 23.57 33.53 -22.28
CA ILE B 366 22.33 34.17 -21.83
C ILE B 366 22.68 35.52 -21.21
N PRO B 367 22.81 36.60 -22.01
CA PRO B 367 23.19 37.90 -21.44
C PRO B 367 22.27 38.42 -20.36
N ALA B 368 22.64 39.52 -19.73
CA ALA B 368 21.87 40.06 -18.62
C ALA B 368 20.49 40.49 -19.08
N GLY B 369 19.46 39.94 -18.43
CA GLY B 369 18.09 40.28 -18.76
C GLY B 369 17.57 39.68 -20.05
N LYS B 370 18.31 38.76 -20.67
CA LYS B 370 17.92 38.17 -21.94
C LYS B 370 17.03 36.97 -21.65
N THR B 371 15.75 37.08 -22.02
CA THR B 371 14.78 36.00 -21.81
C THR B 371 14.90 34.98 -22.94
N VAL B 372 16.03 34.25 -22.92
CA VAL B 372 16.36 33.29 -23.96
C VAL B 372 15.45 32.08 -23.83
N ALA B 373 15.41 31.24 -24.87
CA ALA B 373 14.48 30.12 -24.90
C ALA B 373 14.98 29.03 -25.82
N LEU B 374 14.43 27.83 -25.64
CA LEU B 374 14.87 26.61 -26.33
C LEU B 374 13.63 25.86 -26.82
N VAL B 375 13.29 26.06 -28.09
CA VAL B 375 12.11 25.45 -28.70
C VAL B 375 12.45 24.05 -29.20
N GLY B 376 11.42 23.31 -29.63
CA GLY B 376 11.59 21.99 -30.18
C GLY B 376 10.46 21.06 -29.79
N ARG B 377 9.84 21.32 -28.63
CA ARG B 377 8.63 20.65 -28.15
C ARG B 377 8.80 19.16 -27.92
N SER B 378 10.02 18.62 -28.02
CA SER B 378 10.20 17.18 -27.88
C SER B 378 10.10 16.75 -26.41
N GLY B 379 10.38 17.67 -25.49
CA GLY B 379 10.52 17.31 -24.10
C GLY B 379 11.85 16.68 -23.75
N SER B 380 12.77 16.57 -24.71
CA SER B 380 14.10 15.99 -24.51
C SER B 380 15.11 17.12 -24.71
N GLY B 381 15.67 17.59 -23.60
CA GLY B 381 16.65 18.67 -23.61
C GLY B 381 16.14 19.92 -22.91
N LYS B 382 14.87 20.28 -23.15
CA LYS B 382 14.32 21.47 -22.51
C LYS B 382 14.17 21.26 -21.01
N SER B 383 13.56 20.14 -20.61
CA SER B 383 13.52 19.81 -19.19
C SER B 383 14.92 19.55 -18.66
N THR B 384 15.78 18.93 -19.48
CA THR B 384 17.16 18.67 -19.07
C THR B 384 17.89 19.98 -18.78
N ILE B 385 17.87 20.91 -19.73
CA ILE B 385 18.58 22.17 -19.53
C ILE B 385 17.94 22.99 -18.42
N ALA B 386 16.61 22.87 -18.24
CA ALA B 386 15.95 23.54 -17.13
C ALA B 386 16.49 23.04 -15.80
N SER B 387 16.61 21.72 -15.65
CA SER B 387 17.10 21.14 -14.41
C SER B 387 18.62 21.21 -14.27
N LEU B 388 19.34 21.54 -15.35
CA LEU B 388 20.80 21.42 -15.31
C LEU B 388 21.43 22.56 -14.51
N ILE B 389 20.93 23.78 -14.68
CA ILE B 389 21.57 24.94 -14.03
C ILE B 389 21.47 24.81 -12.52
N THR B 390 20.40 24.19 -12.01
CA THR B 390 20.26 23.95 -10.58
C THR B 390 21.23 22.90 -10.06
N ARG B 391 21.94 22.19 -10.94
CA ARG B 391 22.83 21.10 -10.55
C ARG B 391 22.04 19.95 -9.91
N PHE B 392 20.78 19.77 -10.34
CA PHE B 392 20.02 18.60 -9.93
C PHE B 392 20.73 17.33 -10.36
N TYR B 393 21.08 17.23 -11.63
CA TYR B 393 21.90 16.16 -12.17
C TYR B 393 23.22 16.75 -12.62
N ASP B 394 24.32 16.19 -12.12
CA ASP B 394 25.63 16.63 -12.58
C ASP B 394 25.86 16.19 -14.02
N ILE B 395 26.64 16.98 -14.74
CA ILE B 395 26.85 16.73 -16.17
C ILE B 395 27.85 15.61 -16.37
N ASP B 396 27.90 15.10 -17.61
CA ASP B 396 28.83 14.04 -17.98
C ASP B 396 30.18 14.59 -18.42
N GLU B 397 30.20 15.71 -19.13
CA GLU B 397 31.45 16.28 -19.63
C GLU B 397 31.23 17.76 -19.86
N GLY B 398 32.32 18.52 -19.81
CA GLY B 398 32.27 19.95 -20.03
C GLY B 398 32.19 20.72 -18.72
N GLU B 399 31.68 21.95 -18.83
CA GLU B 399 31.51 22.80 -17.66
C GLU B 399 30.43 23.83 -17.94
N ILE B 400 29.66 24.15 -16.90
CA ILE B 400 28.67 25.21 -16.93
C ILE B 400 29.24 26.39 -16.16
N LEU B 401 29.19 27.57 -16.76
CA LEU B 401 29.89 28.75 -16.25
C LEU B 401 28.90 29.85 -15.92
N MET B 402 28.78 30.15 -14.62
CA MET B 402 28.14 31.36 -14.12
C MET B 402 29.24 32.32 -13.71
N ASP B 403 29.20 33.54 -14.27
CA ASP B 403 30.25 34.53 -14.06
C ASP B 403 31.61 34.05 -14.59
N GLY B 404 31.60 33.09 -15.50
CA GLY B 404 32.83 32.43 -15.90
C GLY B 404 33.35 31.42 -14.91
N HIS B 405 32.64 31.19 -13.81
CA HIS B 405 33.09 30.29 -12.76
C HIS B 405 32.41 28.93 -12.90
N ASP B 406 33.19 27.88 -12.69
CA ASP B 406 32.67 26.52 -12.83
C ASP B 406 31.51 26.29 -11.87
N LEU B 407 30.44 25.68 -12.39
CA LEU B 407 29.22 25.51 -11.63
C LEU B 407 29.45 24.66 -10.39
N ARG B 408 30.31 23.65 -10.49
CA ARG B 408 30.65 22.86 -9.32
C ARG B 408 31.44 23.70 -8.31
N GLU B 409 32.16 24.72 -8.79
CA GLU B 409 32.96 25.53 -7.89
C GLU B 409 32.10 26.28 -6.88
N TYR B 410 30.94 26.78 -7.33
CA TYR B 410 30.02 27.44 -6.41
C TYR B 410 29.53 26.46 -5.36
N THR B 411 29.42 26.94 -4.13
CA THR B 411 28.81 26.15 -3.08
C THR B 411 27.37 25.84 -3.45
N LEU B 412 26.95 24.60 -3.22
CA LEU B 412 25.65 24.13 -3.68
C LEU B 412 24.52 24.95 -3.08
N ALA B 413 24.62 25.29 -1.79
CA ALA B 413 23.60 26.14 -1.18
C ALA B 413 23.55 27.49 -1.87
N SER B 414 24.71 28.10 -2.12
CA SER B 414 24.75 29.41 -2.77
C SER B 414 24.17 29.35 -4.18
N LEU B 415 24.61 28.38 -4.97
CA LEU B 415 24.13 28.25 -6.34
C LEU B 415 22.63 28.02 -6.38
N ARG B 416 22.14 27.10 -5.55
CA ARG B 416 20.72 26.82 -5.52
C ARG B 416 19.93 28.03 -5.04
N ASN B 417 20.53 28.84 -4.18
CA ASN B 417 19.88 30.10 -3.79
C ASN B 417 19.79 31.06 -4.97
N GLN B 418 20.84 31.10 -5.79
CA GLN B 418 20.84 32.02 -6.93
C GLN B 418 19.77 31.64 -7.95
N VAL B 419 19.53 30.35 -8.14
CA VAL B 419 18.55 29.87 -9.10
C VAL B 419 17.20 29.72 -8.40
N ALA B 420 16.12 30.00 -9.14
CA ALA B 420 14.77 29.81 -8.63
C ALA B 420 13.91 29.20 -9.74
N LEU B 421 13.18 28.14 -9.40
CA LEU B 421 12.34 27.42 -10.34
C LEU B 421 10.88 27.75 -10.07
N VAL B 422 10.18 28.19 -11.10
CA VAL B 422 8.75 28.50 -11.04
C VAL B 422 8.06 27.67 -12.11
N SER B 423 6.95 27.04 -11.75
CA SER B 423 6.22 26.19 -12.68
C SER B 423 4.89 25.81 -12.05
N GLN B 424 4.02 25.21 -12.87
CA GLN B 424 2.73 24.74 -12.37
C GLN B 424 2.90 23.57 -11.43
N ASN B 425 3.94 22.75 -11.63
CA ASN B 425 4.15 21.55 -10.82
C ASN B 425 4.82 21.84 -9.47
N VAL B 426 4.88 23.10 -9.05
CA VAL B 426 5.49 23.42 -7.76
C VAL B 426 4.64 22.86 -6.65
N HIS B 427 5.25 22.02 -5.81
CA HIS B 427 4.59 21.49 -4.63
C HIS B 427 4.54 22.56 -3.54
N LEU B 428 3.65 22.34 -2.57
CA LEU B 428 3.32 23.33 -1.56
C LEU B 428 3.60 22.76 -0.17
N PHE B 429 4.37 23.48 0.64
CA PHE B 429 4.63 23.05 2.01
C PHE B 429 3.39 23.26 2.87
N ASN B 430 3.39 22.60 4.02
CA ASN B 430 2.25 22.62 4.94
C ASN B 430 2.36 23.68 6.03
N ASP B 431 3.11 24.74 5.79
CA ASP B 431 3.21 25.85 6.74
C ASP B 431 2.18 26.92 6.37
N THR B 432 2.28 28.08 7.01
CA THR B 432 1.37 29.18 6.73
C THR B 432 1.72 29.82 5.38
N VAL B 433 1.03 30.91 5.05
CA VAL B 433 1.33 31.60 3.80
C VAL B 433 2.67 32.31 3.90
N ALA B 434 2.90 33.01 5.02
CA ALA B 434 4.13 33.76 5.17
C ALA B 434 5.35 32.86 5.23
N ASN B 435 5.25 31.76 5.97
CA ASN B 435 6.37 30.82 6.03
C ASN B 435 6.62 30.17 4.68
N ASN B 436 5.56 29.75 3.99
CA ASN B 436 5.73 29.08 2.71
C ASN B 436 6.32 30.02 1.67
N ILE B 437 5.74 31.21 1.52
CA ILE B 437 6.23 32.22 0.60
C ILE B 437 7.67 32.61 0.92
N ALA B 438 8.06 32.58 2.19
CA ALA B 438 9.42 32.86 2.64
C ALA B 438 10.03 31.60 3.23
N TYR B 439 9.79 30.47 2.56
CA TYR B 439 10.28 29.19 3.03
C TYR B 439 11.81 29.21 3.08
N ALA B 440 12.34 28.81 4.23
CA ALA B 440 13.76 28.91 4.56
C ALA B 440 14.22 30.35 4.72
N ARG B 441 13.30 31.32 4.76
CA ARG B 441 13.64 32.74 4.76
C ARG B 441 12.82 33.53 5.78
N THR B 442 11.96 32.88 6.56
CA THR B 442 11.11 33.59 7.51
C THR B 442 11.90 34.33 8.58
N GLU B 443 13.04 33.80 9.01
CA GLU B 443 13.93 34.55 9.90
C GLU B 443 14.48 35.78 9.19
N GLN B 444 14.86 35.62 7.92
CA GLN B 444 15.42 36.71 7.14
C GLN B 444 14.44 37.87 6.99
N TYR B 445 13.19 37.57 6.68
CA TYR B 445 12.17 38.53 6.27
C TYR B 445 11.09 38.68 7.33
N SER B 446 10.61 39.91 7.49
CA SER B 446 9.45 40.21 8.33
C SER B 446 8.18 40.00 7.55
N ARG B 447 7.05 40.01 8.26
CA ARG B 447 5.75 39.81 7.64
C ARG B 447 5.45 40.93 6.64
N GLU B 448 5.81 42.16 7.01
CA GLU B 448 5.52 43.31 6.16
C GLU B 448 6.22 43.17 4.81
N GLN B 449 7.46 42.68 4.80
CA GLN B 449 8.15 42.42 3.54
C GLN B 449 7.41 41.38 2.70
N ILE B 450 6.90 40.34 3.36
CA ILE B 450 6.20 39.27 2.65
C ILE B 450 4.95 39.82 1.99
N GLU B 451 4.18 40.64 2.71
CA GLU B 451 2.97 41.20 2.12
C GLU B 451 3.30 42.22 1.03
N GLU B 452 4.40 42.96 1.18
CA GLU B 452 4.79 43.85 0.10
C GLU B 452 5.11 43.04 -1.15
N ALA B 453 5.85 41.94 -0.99
CA ALA B 453 6.18 41.13 -2.16
C ALA B 453 4.94 40.53 -2.79
N ALA B 454 3.96 40.15 -1.97
CA ALA B 454 2.66 39.78 -2.51
C ALA B 454 2.05 40.94 -3.31
N ARG B 455 2.34 42.18 -2.91
CA ARG B 455 1.74 43.35 -3.58
C ARG B 455 2.50 43.68 -4.87
N MET B 456 3.81 43.42 -4.93
CA MET B 456 4.53 43.65 -6.19
C MET B 456 4.20 42.56 -7.21
N ALA B 457 3.93 41.35 -6.73
CA ALA B 457 3.44 40.31 -7.64
C ALA B 457 2.12 40.68 -8.27
N TYR B 458 1.34 41.55 -7.61
CA TYR B 458 -0.05 41.86 -7.94
C TYR B 458 -0.96 40.65 -7.77
N ALA B 459 -0.51 39.62 -7.03
CA ALA B 459 -1.36 38.54 -6.57
C ALA B 459 -1.90 38.80 -5.17
N MET B 460 -1.81 40.04 -4.68
CA MET B 460 -2.15 40.34 -3.29
C MET B 460 -3.59 39.96 -2.98
N ASP B 461 -4.51 40.32 -3.88
CA ASP B 461 -5.91 39.98 -3.66
C ASP B 461 -6.14 38.48 -3.77
N PHE B 462 -5.30 37.78 -4.55
CA PHE B 462 -5.56 36.37 -4.81
C PHE B 462 -5.31 35.51 -3.57
N ILE B 463 -4.27 35.83 -2.79
CA ILE B 463 -3.96 35.06 -1.58
C ILE B 463 -4.37 35.77 -0.29
N ASN B 464 -4.67 37.07 -0.33
CA ASN B 464 -5.10 37.79 0.86
C ASN B 464 -6.57 37.62 1.18
N LYS B 465 -7.37 37.06 0.27
CA LYS B 465 -8.79 36.82 0.52
C LYS B 465 -9.06 35.44 1.11
N MET B 466 -8.03 34.78 1.65
CA MET B 466 -8.20 33.48 2.28
C MET B 466 -8.87 33.64 3.64
N ASP B 467 -9.02 32.51 4.35
CA ASP B 467 -9.69 32.52 5.65
C ASP B 467 -8.97 33.42 6.65
N ASN B 468 -7.63 33.44 6.60
CA ASN B 468 -6.83 34.30 7.45
C ASN B 468 -5.79 35.08 6.67
N GLY B 469 -5.90 35.11 5.34
CA GLY B 469 -4.98 35.90 4.54
C GLY B 469 -3.55 35.38 4.65
N LEU B 470 -2.65 36.26 5.08
CA LEU B 470 -1.25 35.88 5.25
C LEU B 470 -1.06 34.77 6.27
N ASP B 471 -2.00 34.59 7.20
CA ASP B 471 -1.87 33.61 8.26
C ASP B 471 -2.61 32.30 7.99
N THR B 472 -3.26 32.15 6.84
CA THR B 472 -4.02 30.93 6.61
C THR B 472 -3.08 29.75 6.42
N VAL B 473 -3.59 28.55 6.70
CA VAL B 473 -2.82 27.34 6.50
C VAL B 473 -2.88 27.00 5.02
N ILE B 474 -1.86 27.45 4.28
CA ILE B 474 -1.83 27.35 2.82
C ILE B 474 -1.60 25.91 2.36
N GLY B 475 -1.29 25.02 3.28
CA GLY B 475 -0.80 23.70 2.90
C GLY B 475 -1.85 22.85 2.22
N GLU B 476 -1.37 21.89 1.43
CA GLU B 476 -2.21 20.77 1.03
C GLU B 476 -2.63 20.00 2.28
N ASN B 477 -3.86 19.49 2.25
CA ASN B 477 -4.60 18.98 3.41
C ASN B 477 -5.07 20.10 4.34
N GLY B 478 -4.91 21.36 3.94
CA GLY B 478 -5.47 22.49 4.66
C GLY B 478 -6.50 23.19 3.81
N VAL B 479 -6.18 24.41 3.35
CA VAL B 479 -7.05 25.08 2.39
C VAL B 479 -7.00 24.39 1.04
N LEU B 480 -5.89 23.73 0.71
CA LEU B 480 -5.74 23.03 -0.56
C LEU B 480 -5.90 24.00 -1.72
N LEU B 481 -4.95 24.93 -1.86
CA LEU B 481 -5.06 25.97 -2.86
C LEU B 481 -5.03 25.38 -4.28
N SER B 482 -5.66 26.11 -5.21
CA SER B 482 -5.88 25.61 -6.56
C SER B 482 -4.62 25.72 -7.42
N GLY B 483 -4.63 25.01 -8.55
CA GLY B 483 -3.42 24.84 -9.34
C GLY B 483 -2.91 26.13 -9.98
N GLY B 484 -3.81 26.91 -10.58
CA GLY B 484 -3.40 28.20 -11.12
C GLY B 484 -2.96 29.14 -10.02
N GLN B 485 -3.72 29.17 -8.93
CA GLN B 485 -3.31 29.92 -7.76
C GLN B 485 -2.06 29.32 -7.12
N ARG B 486 -1.80 28.03 -7.37
CA ARG B 486 -0.52 27.45 -6.97
C ARG B 486 0.62 28.00 -7.83
N GLN B 487 0.36 28.22 -9.11
CA GLN B 487 1.36 28.89 -9.94
C GLN B 487 1.58 30.31 -9.42
N ARG B 488 0.50 30.95 -8.94
CA ARG B 488 0.62 32.28 -8.36
C ARG B 488 1.45 32.26 -7.08
N ILE B 489 1.21 31.29 -6.19
CA ILE B 489 1.97 31.25 -4.94
C ILE B 489 3.45 30.97 -5.26
N ALA B 490 3.70 30.15 -6.29
CA ALA B 490 5.06 29.96 -6.76
C ALA B 490 5.67 31.26 -7.24
N ILE B 491 4.91 32.05 -7.99
CA ILE B 491 5.43 33.31 -8.52
C ILE B 491 5.79 34.25 -7.38
N ALA B 492 4.93 34.34 -6.37
CA ALA B 492 5.22 35.22 -5.23
C ALA B 492 6.43 34.73 -4.44
N ARG B 493 6.51 33.43 -4.20
CA ARG B 493 7.63 32.85 -3.48
C ARG B 493 8.93 33.15 -4.23
N ALA B 494 8.87 33.11 -5.56
CA ALA B 494 10.01 33.54 -6.35
C ALA B 494 10.30 35.02 -6.13
N LEU B 495 9.29 35.88 -6.31
CA LEU B 495 9.54 37.31 -6.37
C LEU B 495 10.15 37.83 -5.08
N LEU B 496 9.90 37.13 -3.96
CA LEU B 496 10.56 37.54 -2.73
C LEU B 496 12.09 37.45 -2.82
N ARG B 497 12.62 36.35 -3.39
CA ARG B 497 14.03 36.07 -3.15
C ARG B 497 14.95 37.00 -3.94
N ASP B 498 14.48 37.57 -5.05
CA ASP B 498 15.26 38.51 -5.86
C ASP B 498 16.59 37.91 -6.30
N SER B 499 16.53 36.83 -7.09
CA SER B 499 17.72 36.06 -7.42
C SER B 499 18.10 36.23 -8.88
N PRO B 500 19.41 36.07 -9.23
CA PRO B 500 19.82 36.32 -10.62
C PRO B 500 19.20 35.40 -11.65
N ILE B 501 19.38 34.08 -11.54
CA ILE B 501 18.84 33.19 -12.55
C ILE B 501 17.38 32.90 -12.26
N LEU B 502 16.55 33.07 -13.27
CA LEU B 502 15.14 32.71 -13.22
C LEU B 502 14.92 31.59 -14.23
N ILE B 503 15.17 30.35 -13.80
CA ILE B 503 14.71 29.19 -14.56
C ILE B 503 13.19 29.09 -14.41
N LEU B 504 12.50 28.96 -15.55
CA LEU B 504 11.05 28.95 -15.61
C LEU B 504 10.64 27.92 -16.65
N ASP B 505 10.00 26.84 -16.20
CA ASP B 505 9.59 25.78 -17.11
C ASP B 505 8.51 26.26 -18.08
N GLU B 506 7.48 26.94 -17.56
CA GLU B 506 6.33 27.42 -18.34
C GLU B 506 5.59 26.24 -19.03
N ALA B 507 5.80 25.02 -18.51
CA ALA B 507 5.00 23.88 -19.06
C ALA B 507 3.54 24.34 -19.16
N THR B 508 3.03 25.02 -18.12
CA THR B 508 1.65 25.59 -18.17
C THR B 508 0.61 24.56 -18.59
N SER B 509 0.61 23.38 -17.95
CA SER B 509 -0.42 22.36 -18.26
C SER B 509 -1.81 22.93 -17.95
N ALA B 510 -1.93 23.67 -16.85
CA ALA B 510 -3.23 24.26 -16.45
C ALA B 510 -3.25 25.78 -16.73
N LEU B 511 -3.97 26.22 -17.76
CA LEU B 511 -4.10 27.64 -18.04
C LEU B 511 -5.42 28.14 -17.49
N ASP B 512 -5.38 29.30 -16.86
CA ASP B 512 -6.49 29.83 -16.08
C ASP B 512 -7.17 30.96 -16.83
N THR B 513 -8.50 30.87 -16.96
CA THR B 513 -9.26 31.95 -17.58
C THR B 513 -9.30 33.16 -16.67
N GLU B 514 -8.99 34.33 -17.24
CA GLU B 514 -9.08 35.65 -16.60
C GLU B 514 -7.97 35.89 -15.56
N SER B 515 -7.20 34.85 -15.23
CA SER B 515 -6.15 34.99 -14.21
C SER B 515 -4.77 34.89 -14.83
N GLU B 516 -4.62 34.03 -15.85
CA GLU B 516 -3.32 33.81 -16.49
C GLU B 516 -2.71 35.11 -16.98
N ARG B 517 -3.54 36.04 -17.43
CA ARG B 517 -3.04 37.32 -17.93
C ARG B 517 -2.23 38.03 -16.85
N ALA B 518 -2.79 38.08 -15.63
CA ALA B 518 -2.07 38.67 -14.52
C ALA B 518 -0.75 37.95 -14.27
N ILE B 519 -0.73 36.63 -14.44
CA ILE B 519 0.51 35.87 -14.27
C ILE B 519 1.56 36.38 -15.25
N GLN B 520 1.18 36.59 -16.52
CA GLN B 520 2.14 37.21 -17.42
C GLN B 520 2.51 38.61 -16.94
N ALA B 521 1.52 39.38 -16.51
CA ALA B 521 1.82 40.69 -15.93
C ALA B 521 2.69 40.56 -14.69
N ALA B 522 2.63 39.42 -14.00
CA ALA B 522 3.53 39.18 -12.90
C ALA B 522 4.94 38.85 -13.39
N LEU B 523 5.06 37.99 -14.41
CA LEU B 523 6.38 37.44 -14.71
C LEU B 523 7.27 38.48 -15.36
N ASP B 524 6.69 39.45 -16.07
CA ASP B 524 7.48 40.56 -16.58
C ASP B 524 8.09 41.35 -15.41
N GLU B 525 7.36 41.49 -14.32
CA GLU B 525 7.95 42.06 -13.12
C GLU B 525 8.90 41.07 -12.46
N LEU B 526 8.63 39.77 -12.60
CA LEU B 526 9.61 38.77 -12.22
C LEU B 526 10.81 38.77 -13.15
N GLN B 527 10.67 39.34 -14.36
CA GLN B 527 11.73 39.45 -15.34
C GLN B 527 12.11 40.91 -15.61
N LYS B 528 11.86 41.81 -14.66
CA LYS B 528 12.41 43.16 -14.73
C LYS B 528 13.93 43.11 -14.88
N ASN B 529 14.53 42.16 -14.17
CA ASN B 529 15.98 41.92 -14.13
C ASN B 529 16.07 40.41 -14.14
N ARG B 530 17.11 39.82 -13.55
CA ARG B 530 17.07 38.38 -13.28
C ARG B 530 17.10 37.57 -14.56
N THR B 531 18.29 37.45 -15.17
CA THR B 531 18.51 36.74 -16.43
C THR B 531 17.69 35.46 -16.51
N SER B 532 16.81 35.39 -17.49
CA SER B 532 15.74 34.40 -17.53
C SER B 532 15.95 33.43 -18.68
N LEU B 533 15.81 32.15 -18.37
CA LEU B 533 16.01 31.05 -19.31
C LEU B 533 14.69 30.34 -19.55
N VAL B 534 13.66 31.16 -19.78
CA VAL B 534 12.32 30.69 -20.04
C VAL B 534 12.31 29.78 -21.26
N ILE B 535 11.72 28.60 -21.13
CA ILE B 535 11.68 27.65 -22.24
C ILE B 535 10.60 28.09 -23.23
N ALA B 536 10.88 27.90 -24.52
CA ALA B 536 10.00 28.36 -25.59
C ALA B 536 8.69 27.57 -25.56
N HIS B 537 7.58 28.28 -25.41
CA HIS B 537 6.24 27.72 -25.28
C HIS B 537 5.28 28.78 -25.80
N ARG B 538 4.03 28.79 -25.29
CA ARG B 538 2.95 29.71 -25.67
C ARG B 538 3.42 31.09 -26.13
N LEU B 539 2.90 31.51 -27.29
CA LEU B 539 3.50 32.63 -28.03
C LEU B 539 3.43 33.94 -27.25
N SER B 540 2.51 34.07 -26.31
CA SER B 540 2.30 35.35 -25.63
C SER B 540 3.55 35.80 -24.89
N THR B 541 4.28 34.86 -24.29
CA THR B 541 5.50 35.18 -23.57
C THR B 541 6.74 35.18 -24.45
N ILE B 542 6.73 34.41 -25.55
CA ILE B 542 7.92 34.30 -26.41
C ILE B 542 8.01 35.47 -27.38
N GLU B 543 6.94 36.24 -27.57
CA GLU B 543 7.00 37.38 -28.47
C GLU B 543 8.01 38.42 -27.98
N LYS B 544 8.13 38.57 -26.66
CA LYS B 544 9.11 39.47 -26.07
C LYS B 544 10.48 38.82 -25.88
N ALA B 545 10.68 37.62 -26.43
CA ALA B 545 11.95 36.92 -26.24
C ALA B 545 13.10 37.71 -26.85
N ASP B 546 14.19 37.85 -26.08
CA ASP B 546 15.38 38.50 -26.59
C ASP B 546 16.16 37.60 -27.54
N GLU B 547 16.14 36.28 -27.28
CA GLU B 547 16.82 35.32 -28.13
C GLU B 547 16.06 34.01 -28.05
N ILE B 548 16.27 33.16 -29.05
CA ILE B 548 15.62 31.85 -29.12
C ILE B 548 16.66 30.81 -29.52
N VAL B 549 16.45 29.58 -29.05
CA VAL B 549 17.29 28.45 -29.39
C VAL B 549 16.35 27.30 -29.75
N VAL B 550 16.89 26.30 -30.45
CA VAL B 550 16.19 25.04 -30.64
C VAL B 550 17.12 23.90 -30.24
N VAL B 551 16.62 22.95 -29.48
CA VAL B 551 17.37 21.76 -29.07
C VAL B 551 16.43 20.57 -29.23
N GLU B 552 16.59 19.84 -30.34
CA GLU B 552 15.82 18.64 -30.61
C GLU B 552 16.70 17.43 -30.39
N ASP B 553 16.29 16.57 -29.45
CA ASP B 553 17.04 15.35 -29.11
C ASP B 553 18.47 15.69 -28.66
N GLY B 554 18.61 16.84 -27.98
CA GLY B 554 19.87 17.20 -27.37
C GLY B 554 20.89 17.84 -28.28
N VAL B 555 20.56 18.09 -29.55
CA VAL B 555 21.48 18.74 -30.49
C VAL B 555 20.95 20.12 -30.83
N ILE B 556 21.78 21.14 -30.63
CA ILE B 556 21.44 22.50 -31.01
C ILE B 556 21.58 22.61 -32.53
N VAL B 557 20.50 23.00 -33.20
CA VAL B 557 20.49 23.15 -34.65
C VAL B 557 20.29 24.59 -35.09
N GLU B 558 19.73 25.46 -34.25
CA GLU B 558 19.65 26.89 -34.51
C GLU B 558 19.69 27.64 -33.19
N ARG B 559 20.41 28.77 -33.21
CA ARG B 559 20.50 29.72 -32.09
C ARG B 559 20.32 31.10 -32.69
N GLY B 560 19.09 31.61 -32.69
CA GLY B 560 18.79 32.86 -33.36
C GLY B 560 17.63 33.58 -32.72
N THR B 561 17.44 34.82 -33.14
CA THR B 561 16.39 35.67 -32.60
C THR B 561 15.05 35.27 -33.21
N HIS B 562 14.02 36.08 -32.95
CA HIS B 562 12.67 35.77 -33.41
C HIS B 562 12.59 35.76 -34.93
N ASN B 563 13.24 36.74 -35.59
CA ASN B 563 13.19 36.81 -37.05
C ASN B 563 13.98 35.66 -37.68
N ASP B 564 15.14 35.33 -37.14
CA ASP B 564 15.92 34.21 -37.67
C ASP B 564 15.15 32.91 -37.55
N LEU B 565 14.44 32.72 -36.44
CA LEU B 565 13.58 31.55 -36.30
C LEU B 565 12.40 31.61 -37.27
N LEU B 566 11.88 32.81 -37.56
CA LEU B 566 10.83 32.94 -38.55
C LEU B 566 11.32 32.47 -39.92
N GLU B 567 12.56 32.80 -40.26
CA GLU B 567 13.10 32.39 -41.56
C GLU B 567 13.13 30.88 -41.71
N HIS B 568 13.51 30.17 -40.65
CA HIS B 568 13.61 28.72 -40.71
C HIS B 568 12.24 28.08 -40.54
N ARG B 569 12.22 26.74 -40.61
CA ARG B 569 10.95 26.02 -40.51
C ARG B 569 10.28 26.24 -39.15
N GLY B 570 10.89 25.75 -38.07
CA GLY B 570 10.42 26.04 -36.73
C GLY B 570 9.01 25.58 -36.42
N VAL B 571 8.61 25.72 -35.15
CA VAL B 571 7.24 25.57 -34.72
C VAL B 571 6.85 26.86 -34.00
N TYR B 572 5.93 27.65 -34.56
CA TYR B 572 5.78 29.00 -33.95
C TYR B 572 4.41 29.53 -33.55
N ALA B 573 3.31 29.17 -34.24
CA ALA B 573 2.11 29.91 -33.88
C ALA B 573 1.52 29.41 -32.56
N GLN B 574 1.27 28.10 -32.45
CA GLN B 574 0.79 27.52 -31.19
C GLN B 574 1.72 27.85 -30.02
C4 JSG C . -0.41 -16.16 26.84
C5 JSG C . -1.64 -15.85 25.99
C6 JSG C . -1.81 -14.37 25.58
C7 JSG C . -1.88 -20.89 27.20
C8 JSG C . -0.56 -21.57 27.72
N2 JSG C . -1.92 -19.56 26.58
C3 JSG C . -0.48 -17.60 27.26
C1 JSG C . -1.52 -18.03 24.94
C2 JSG C . -0.83 -18.57 26.19
CAL JSG C . -1.76 -22.67 21.19
CAN JSG C . -1.93 -23.40 22.45
CAP JSG C . -3.13 -22.79 22.93
CAR JSG C . -2.72 -21.65 23.74
CAT JSG C . -1.95 -20.64 22.84
CAV JSG C . -0.98 -20.07 23.70
CAX JSG C . -2.61 -11.97 23.73
CBA JSG C . -1.73 -13.11 23.33
CBB JSG C . -1.97 -13.36 21.87
CBC JSG C . -1.18 -14.53 21.35
CBE JSG C . 0.20 -14.70 21.90
CBG JSG C . 0.70 -13.69 22.96
CBI JSG C . 1.85 -12.87 22.44
CBK JSG C . 1.34 -11.65 21.59
CBM JSG C . -1.69 -14.06 17.77
CBP JSG C . -1.73 -14.99 18.99
CBQ JSG C . -3.15 -15.13 19.32
CBR JSG C . -3.61 -16.37 19.92
CBT JSG C . -3.01 -17.60 19.31
CBV JSG C . -1.49 -17.54 19.25
CBX JSG C . -1.08 -18.59 18.38
CBZ JSG C . 0.41 -18.32 17.94
CDO JSG C . -1.59 -25.75 23.41
CDP JSG C . -1.84 -27.27 23.49
CDQ JSG C . -0.63 -27.97 24.14
CDR JSG C . -0.67 -29.44 23.80
CDS JSG C . 0.71 -29.94 24.18
CDT JSG C . 0.49 -31.05 25.19
CDU JSG C . 1.72 -31.07 26.08
CDV JSG C . 2.89 -30.53 25.27
CDW JSG C . 4.14 -30.82 26.12
CDX JSG C . 5.36 -30.05 25.60
CDY JSG C . 6.50 -31.07 25.70
CDZ JSG C . 7.63 -30.44 26.50
CEA JSG C . 8.82 -30.29 25.56
CEB JSG C . 10.03 -30.87 26.31
CEE JSG C . -3.96 -23.96 24.95
CEF JSG C . -5.37 -23.80 25.55
CEG JSG C . -6.06 -25.18 25.58
CEH JSG C . -5.02 -26.31 25.81
CEI JSG C . -5.76 -27.63 26.12
CEJ JSG C . -4.89 -28.48 27.07
CEK JSG C . -3.48 -28.59 26.42
CEL JSG C . -2.84 -29.90 26.96
CEM JSG C . -3.71 -30.39 28.11
CEN JSG C . -2.83 -30.97 29.25
CEO JSG C . -2.31 -32.37 28.90
CEP JSG C . -1.73 -32.99 30.18
CEQ JSG C . -2.32 -34.38 30.41
CER JSG C . -1.44 -35.08 31.46
CEW JSG C . -0.79 -22.63 28.81
CEX JSG C . 0.26 -22.45 29.91
CEY JSG C . -0.30 -22.88 31.29
CEZ JSG C . 0.71 -23.89 31.84
CFA JSG C . 0.49 -24.11 33.34
CFB JSG C . -0.85 -24.84 33.49
CFC JSG C . -1.61 -24.25 34.68
CFD JSG C . -1.07 -24.98 35.92
CFE JSG C . -2.09 -26.03 36.39
CFF JSG C . -3.15 -25.32 37.24
CFG JSG C . -3.80 -26.35 38.17
CFH JSG C . -2.86 -27.53 38.39
CFK JSG C . 1.32 -18.33 28.88
CFL JSG C . 0.71 -17.56 30.11
CFM JSG C . -0.27 -18.50 30.83
CFN JSG C . 0.03 -18.49 32.33
CFO JSG C . 1.28 -19.35 32.60
CFP JSG C . 1.37 -19.56 34.13
CFQ JSG C . -0.01 -19.19 34.76
CFR JSG C . -0.50 -20.49 35.48
CFS JSG C . -1.37 -20.13 36.70
CFT JSG C . -1.42 -21.35 37.66
CFU JSG C . -2.00 -20.86 39.01
CFV JSG C . -3.10 -21.85 39.45
CFW JSG C . -3.11 -21.82 40.98
CFX JSG C . -1.66 -21.40 41.30
CGB JSG C . -2.73 -23.72 29.26
CGC JSG C . -4.23 -23.84 29.61
CGD JSG C . -4.43 -24.82 30.80
CGE JSG C . -4.46 -26.27 30.30
CGF JSG C . -3.19 -26.90 30.89
CGG JSG C . -3.51 -27.16 32.37
CGH JSG C . -3.62 -28.69 32.47
CGI JSG C . -2.22 -29.30 32.66
CGJ JSG C . -1.64 -28.58 33.89
CGK JSG C . -1.59 -29.62 35.02
CGL JSG C . -0.75 -30.79 34.53
CGM JSG C . -0.55 -31.70 35.73
CGN JSG C . -2.03 -16.95 31.36
CGP JSG C . -3.34 -17.08 32.19
CGQ JSG C . -3.67 -15.67 32.69
CGR JSG C . -3.57 -15.70 34.22
CGS JSG C . -3.45 -17.18 34.64
CGT JSG C . -4.37 -17.38 35.87
CGU JSG C . -5.70 -16.68 35.54
CGV JSG C . -6.64 -17.77 34.97
CGW JSG C . -7.95 -17.77 35.78
CGX JSG C . -9.06 -17.17 34.88
CGY JSG C . -10.29 -18.07 35.05
CGZ JSG C . -11.42 -17.23 35.66
CHA JSG C . -12.46 -17.04 34.55
CHB JSG C . -13.82 -17.52 35.10
NAO JSG C . -2.24 -24.89 22.40
O1 JSG C . -1.09 -18.64 23.77
O3 JSG C . 0.92 -18.01 27.55
O4 JSG C . -0.30 -15.26 27.97
O5 JSG C . -1.38 -16.55 24.76
O6 JSG C . -2.01 -14.36 24.09
O7 JSG C . -2.94 -21.42 27.29
OAM JSG C . -3.01 -22.55 20.58
OAQ JSG C . -3.88 -23.89 23.56
OAS JSG C . -3.84 -20.97 24.24
OAU JSG C . -1.30 -21.32 21.61
OAY JSG C . -3.83 -12.16 24.04
OAZ JSG C . -2.15 -10.79 23.75
OBD JSG C . -0.93 -14.34 19.94
OBF JSG C . 1.11 -14.73 20.73
OBH JSG C . -0.29 -12.74 23.51
OBJ JSG C . 2.54 -12.34 23.54
OBL JSG C . 2.25 -10.56 21.74
OBN JSG C . -0.83 -14.24 16.86
OBO JSG C . -2.51 -13.10 17.68
OBS JSG C . -5.08 -16.43 19.79
OBU JSG C . -3.52 -17.79 17.99
OBW JSG C . -1.03 -16.24 18.59
OBY JSG C . -1.16 -19.80 19.10
OCA JSG C . 0.79 -19.28 16.96
OEC JSG C . -0.86 -25.24 24.20
OED JSG C . 0.55 -27.46 23.62
OES JSG C . -2.99 -24.16 25.61
OET JSG C . -6.98 -25.17 26.62
OFJ JSG C . -2.01 -22.52 29.44
OFY JSG C . 2.15 -19.15 29.08
OFZ JSG C . -1.55 -18.05 30.58
OGA JSG C . -2.15 -24.63 28.80
OGO JSG C . -1.47 -15.91 31.40
OHD JSG C . 1.42 -13.68 26.69
OHE JSG C . -0.37 -12.65 27.94
OHF JSG C . 1.50 -13.66 29.11
OHH JSG C . -4.22 -22.97 18.28
OHI JSG C . -2.54 -24.62 19.06
OHJ JSG C . -4.73 -24.46 20.09
PHC JSG C . 0.58 -13.81 27.92
PHG JSG C . -3.63 -23.67 19.48
#